data_8D8P
#
_entry.id   8D8P
#
_cell.length_a   57.545
_cell.length_b   203.380
_cell.length_c   316.351
_cell.angle_alpha   90.000
_cell.angle_beta   90.000
_cell.angle_gamma   90.000
#
_symmetry.space_group_name_H-M   'F 2 2 2'
#
loop_
_entity.id
_entity.type
_entity.pdbx_description
1 polymer Decarboxylase
2 non-polymer 'PROTOPORPHYRIN IX CONTAINING FE'
3 non-polymer 'PALMITIC ACID'
4 non-polymer 'SULFATE ION'
5 water water
#
_entity_poly.entity_id   1
_entity_poly.type   'polypeptide(L)'
_entity_poly.pdbx_seq_one_letter_code
;MNIAPVKNLLNDQLPNFIKQGYLFMSHQRRKAGVPADSNCPVTFPVLGGRATLIRGEEAVDFFYDESKISRNGAMPTAIQ
GPLFGDGAVHTLDGQAHKVRKSAMAAMAYDDERVEAFRGFVEEEMKALIERWKTNPGNIYDDVAVAYGRAAFRWAGVPAS
DRELNKRATQMSHLLDTFGEVKQNVLSWMDRRKLDAWAEDLIKKVRSGELTVDPDSVVRHMADLRDEKGELVTAKLAGIE
LQNLTRPTVAVSRFAAFAAVAMVENPEWAAKVKNAVEDADGRLVNIPEAVAFAQETRRKYPFVPMLPAMVKEDTELSGCP
IQKGQRVFLDVLGTNNSPQLWNNPGEFNPQRFLDTPDYESIKGFIPQGGGDVLTGHRCPGEKIAVAALSSTVAALSADNV
TISQETEDTTFSMTQLLTRPRTGVRVTVS
;
_entity_poly.pdbx_strand_id   A,B
#
# COMPACT_ATOMS: atom_id res chain seq x y z
N LEU A 10 -30.83 -14.76 -31.08
CA LEU A 10 -29.83 -14.83 -30.01
C LEU A 10 -30.01 -16.10 -29.18
N ASN A 11 -29.34 -17.17 -29.62
CA ASN A 11 -29.43 -18.45 -28.94
C ASN A 11 -28.62 -18.42 -27.65
N ASP A 12 -28.64 -19.54 -26.93
CA ASP A 12 -27.85 -19.65 -25.71
C ASP A 12 -26.37 -19.63 -26.06
N GLN A 13 -25.59 -18.90 -25.25
CA GLN A 13 -24.19 -18.65 -25.55
C GLN A 13 -23.24 -19.63 -24.85
N LEU A 14 -23.75 -20.72 -24.30
CA LEU A 14 -22.86 -21.75 -23.77
C LEU A 14 -21.96 -22.36 -24.83
N PRO A 15 -22.44 -22.74 -26.03
CA PRO A 15 -21.51 -23.21 -27.05
C PRO A 15 -20.43 -22.20 -27.40
N ASN A 16 -20.77 -20.91 -27.40
CA ASN A 16 -19.78 -19.89 -27.73
C ASN A 16 -18.70 -19.79 -26.66
N PHE A 17 -19.06 -19.98 -25.39
CA PHE A 17 -18.04 -19.90 -24.34
C PHE A 17 -17.02 -21.03 -24.48
N ILE A 18 -17.48 -22.25 -24.74
CA ILE A 18 -16.57 -23.36 -24.94
C ILE A 18 -15.70 -23.12 -26.17
N LYS A 19 -16.28 -22.50 -27.21
CA LYS A 19 -15.55 -22.27 -28.44
C LYS A 19 -14.54 -21.12 -28.28
N GLN A 20 -14.95 -20.03 -27.64
CA GLN A 20 -14.14 -18.82 -27.60
C GLN A 20 -13.14 -18.81 -26.44
N GLY A 21 -13.50 -19.38 -25.30
CA GLY A 21 -12.59 -19.35 -24.16
C GLY A 21 -12.44 -17.94 -23.62
N TYR A 22 -11.19 -17.47 -23.54
CA TYR A 22 -10.93 -16.12 -23.03
C TYR A 22 -11.30 -15.02 -24.01
N LEU A 23 -11.58 -15.36 -25.27
CA LEU A 23 -12.10 -14.39 -26.22
C LEU A 23 -13.61 -14.24 -26.13
N PHE A 24 -14.26 -14.97 -25.22
CA PHE A 24 -15.72 -14.94 -25.12
C PHE A 24 -16.23 -13.56 -24.73
N MET A 25 -15.53 -12.89 -23.79
CA MET A 25 -15.95 -11.58 -23.35
C MET A 25 -15.93 -10.58 -24.50
N SER A 26 -14.81 -10.53 -25.23
CA SER A 26 -14.75 -9.68 -26.41
C SER A 26 -15.76 -10.11 -27.46
N HIS A 27 -16.00 -11.42 -27.59
CA HIS A 27 -16.96 -11.91 -28.57
C HIS A 27 -18.37 -11.42 -28.26
N GLN A 28 -18.81 -11.58 -27.01
CA GLN A 28 -20.12 -11.07 -26.62
C GLN A 28 -20.16 -9.56 -26.71
N ARG A 29 -19.05 -8.89 -26.36
CA ARG A 29 -18.95 -7.45 -26.56
C ARG A 29 -19.06 -7.10 -28.03
N ARG A 30 -18.35 -7.83 -28.89
CA ARG A 30 -18.34 -7.53 -30.32
C ARG A 30 -19.68 -7.85 -30.97
N LYS A 31 -20.25 -9.02 -30.65
CA LYS A 31 -21.51 -9.44 -31.25
C LYS A 31 -22.70 -8.63 -30.78
N ALA A 32 -22.51 -7.71 -29.83
CA ALA A 32 -23.58 -6.85 -29.35
C ALA A 32 -23.50 -5.43 -29.90
N GLY A 33 -22.54 -5.15 -30.77
CA GLY A 33 -22.37 -3.81 -31.32
C GLY A 33 -21.62 -2.86 -30.42
N VAL A 34 -21.11 -3.33 -29.29
CA VAL A 34 -20.39 -2.46 -28.35
C VAL A 34 -19.03 -2.11 -28.94
N PRO A 35 -18.57 -0.86 -28.82
CA PRO A 35 -17.23 -0.51 -29.32
C PRO A 35 -16.15 -1.31 -28.59
N ALA A 36 -14.97 -1.35 -29.21
CA ALA A 36 -13.84 -2.04 -28.61
C ALA A 36 -13.30 -1.24 -27.43
N ASP A 37 -12.74 -1.97 -26.45
CA ASP A 37 -12.18 -1.40 -25.23
C ASP A 37 -13.24 -0.71 -24.37
N SER A 38 -14.49 -0.77 -24.79
CA SER A 38 -15.57 -0.12 -24.05
C SER A 38 -16.01 -0.97 -22.86
N ASN A 39 -16.70 -0.32 -21.93
CA ASN A 39 -17.15 -0.95 -20.70
C ASN A 39 -18.66 -1.22 -20.69
N CYS A 40 -19.31 -1.11 -21.84
CA CYS A 40 -20.76 -1.21 -21.87
C CYS A 40 -21.21 -2.62 -21.52
N PRO A 41 -22.17 -2.78 -20.61
CA PRO A 41 -22.67 -4.12 -20.29
C PRO A 41 -23.38 -4.75 -21.48
N VAL A 42 -23.25 -6.06 -21.60
CA VAL A 42 -23.85 -6.83 -22.67
C VAL A 42 -24.69 -7.95 -22.07
N THR A 43 -25.94 -8.04 -22.49
CA THR A 43 -26.88 -9.04 -21.99
C THR A 43 -27.07 -10.14 -23.03
N PHE A 44 -26.98 -11.39 -22.60
CA PHE A 44 -27.10 -12.53 -23.50
C PHE A 44 -27.53 -13.74 -22.68
N PRO A 45 -28.20 -14.71 -23.30
CA PRO A 45 -28.55 -15.94 -22.56
C PRO A 45 -27.40 -16.93 -22.57
N VAL A 46 -27.16 -17.53 -21.40
CA VAL A 46 -26.15 -18.58 -21.25
C VAL A 46 -26.59 -19.47 -20.08
N LEU A 47 -26.31 -20.77 -20.22
CA LEU A 47 -26.76 -21.78 -19.25
C LEU A 47 -28.27 -21.72 -19.06
N GLY A 48 -28.99 -21.46 -20.14
CA GLY A 48 -30.44 -21.41 -20.08
C GLY A 48 -30.98 -20.30 -19.19
N GLY A 49 -30.35 -19.14 -19.21
CA GLY A 49 -30.80 -18.04 -18.38
C GLY A 49 -30.17 -16.74 -18.81
N ARG A 50 -30.79 -15.65 -18.38
CA ARG A 50 -30.31 -14.31 -18.69
C ARG A 50 -29.00 -14.03 -17.97
N ALA A 51 -28.06 -13.40 -18.69
CA ALA A 51 -26.76 -13.06 -18.12
C ALA A 51 -26.28 -11.73 -18.69
N THR A 52 -25.55 -10.99 -17.87
CA THR A 52 -25.03 -9.68 -18.25
C THR A 52 -23.56 -9.60 -17.88
N LEU A 53 -22.70 -9.43 -18.89
CA LEU A 53 -21.27 -9.30 -18.67
C LEU A 53 -20.92 -7.85 -18.37
N ILE A 54 -20.23 -7.62 -17.25
CA ILE A 54 -19.86 -6.28 -16.81
C ILE A 54 -18.35 -6.15 -16.79
N ARG A 55 -17.87 -4.92 -16.94
CA ARG A 55 -16.45 -4.63 -17.06
C ARG A 55 -16.22 -3.17 -16.73
N GLY A 56 -15.28 -2.91 -15.82
CA GLY A 56 -14.93 -1.57 -15.41
C GLY A 56 -14.97 -1.41 -13.90
N GLU A 57 -14.46 -0.26 -13.47
CA GLU A 57 -14.40 0.02 -12.03
C GLU A 57 -15.80 0.10 -11.43
N GLU A 58 -16.74 0.73 -12.14
CA GLU A 58 -18.12 0.75 -11.68
C GLU A 58 -18.69 -0.66 -11.55
N ALA A 59 -18.22 -1.58 -12.39
CA ALA A 59 -18.66 -2.97 -12.29
C ALA A 59 -18.04 -3.67 -11.09
N VAL A 60 -16.80 -3.34 -10.74
CA VAL A 60 -16.15 -3.98 -9.60
C VAL A 60 -16.82 -3.59 -8.30
N ASP A 61 -17.09 -2.29 -8.12
CA ASP A 61 -17.83 -1.85 -6.94
C ASP A 61 -19.21 -2.50 -6.88
N PHE A 62 -19.86 -2.64 -8.05
CA PHE A 62 -21.15 -3.31 -8.11
C PHE A 62 -21.02 -4.78 -7.76
N PHE A 63 -20.14 -5.50 -8.45
CA PHE A 63 -20.01 -6.95 -8.29
C PHE A 63 -19.82 -7.36 -6.84
N TYR A 64 -19.26 -6.48 -6.01
CA TYR A 64 -18.98 -6.80 -4.63
C TYR A 64 -19.92 -6.06 -3.67
N ASP A 65 -20.93 -5.37 -4.20
CA ASP A 65 -21.96 -4.80 -3.35
C ASP A 65 -22.83 -5.96 -2.90
N GLU A 66 -22.50 -6.54 -1.75
CA GLU A 66 -23.19 -7.73 -1.25
C GLU A 66 -24.65 -7.47 -0.91
N SER A 67 -25.11 -6.23 -1.00
CA SER A 67 -26.51 -5.91 -0.85
C SER A 67 -27.34 -6.28 -2.08
N LYS A 68 -26.70 -6.43 -3.23
CA LYS A 68 -27.39 -6.74 -4.47
C LYS A 68 -26.92 -8.01 -5.14
N ILE A 69 -25.85 -8.64 -4.66
CA ILE A 69 -25.22 -9.78 -5.34
C ILE A 69 -24.97 -10.90 -4.34
N SER A 70 -25.65 -12.02 -4.52
CA SER A 70 -25.33 -13.27 -3.85
C SER A 70 -24.52 -14.15 -4.81
N ARG A 71 -23.91 -15.21 -4.26
CA ARG A 71 -23.01 -16.03 -5.05
C ARG A 71 -23.34 -17.52 -5.10
N ASN A 72 -24.06 -18.06 -4.11
CA ASN A 72 -24.36 -19.48 -4.12
C ASN A 72 -25.13 -19.87 -5.39
N GLY A 73 -24.62 -20.88 -6.09
CA GLY A 73 -25.22 -21.33 -7.33
C GLY A 73 -24.77 -20.60 -8.57
N ALA A 74 -23.92 -19.58 -8.43
CA ALA A 74 -23.46 -18.83 -9.60
C ALA A 74 -22.46 -19.64 -10.41
N MET A 75 -21.55 -20.32 -9.73
CA MET A 75 -20.63 -21.22 -10.42
C MET A 75 -21.33 -22.54 -10.70
N PRO A 76 -21.41 -22.96 -11.96
CA PRO A 76 -22.04 -24.26 -12.25
C PRO A 76 -21.33 -25.38 -11.52
N THR A 77 -22.11 -26.37 -11.08
CA THR A 77 -21.55 -27.47 -10.30
C THR A 77 -20.47 -28.24 -11.06
N ALA A 78 -20.50 -28.19 -12.40
CA ALA A 78 -19.46 -28.84 -13.18
C ALA A 78 -18.08 -28.24 -12.94
N ILE A 79 -18.01 -27.01 -12.45
CA ILE A 79 -16.75 -26.35 -12.13
C ILE A 79 -16.55 -26.27 -10.61
N GLN A 80 -17.53 -25.71 -9.90
CA GLN A 80 -17.40 -25.55 -8.45
C GLN A 80 -17.25 -26.91 -7.77
N GLY A 81 -17.96 -27.92 -8.26
CA GLY A 81 -17.90 -29.26 -7.72
C GLY A 81 -16.49 -29.80 -7.62
N PRO A 82 -15.83 -30.00 -8.76
CA PRO A 82 -14.47 -30.58 -8.72
C PRO A 82 -13.41 -29.60 -8.26
N LEU A 83 -13.55 -28.31 -8.55
CA LEU A 83 -12.49 -27.36 -8.23
C LEU A 83 -12.52 -26.97 -6.75
N PHE A 84 -13.61 -26.34 -6.31
CA PHE A 84 -13.68 -25.83 -4.94
C PHE A 84 -14.13 -26.86 -3.93
N GLY A 85 -14.85 -27.89 -4.37
CA GLY A 85 -15.42 -28.85 -3.46
C GLY A 85 -16.81 -28.45 -2.99
N ASP A 86 -17.54 -29.42 -2.47
CA ASP A 86 -18.91 -29.18 -2.03
C ASP A 86 -18.91 -28.46 -0.68
N GLY A 87 -19.82 -27.49 -0.55
CA GLY A 87 -19.94 -26.74 0.68
C GLY A 87 -18.75 -25.87 1.01
N ALA A 88 -17.95 -25.49 0.01
CA ALA A 88 -16.76 -24.69 0.26
C ALA A 88 -17.14 -23.24 0.54
N VAL A 89 -16.15 -22.47 1.00
CA VAL A 89 -16.37 -21.06 1.29
C VAL A 89 -16.81 -20.28 0.05
N HIS A 90 -16.51 -20.79 -1.15
CA HIS A 90 -16.89 -20.10 -2.37
C HIS A 90 -18.40 -20.06 -2.54
N THR A 91 -19.11 -21.08 -2.05
CA THR A 91 -20.55 -21.20 -2.22
C THR A 91 -21.34 -20.62 -1.05
N LEU A 92 -20.71 -19.81 -0.21
CA LEU A 92 -21.33 -19.31 1.00
C LEU A 92 -21.67 -17.82 0.85
N ASP A 93 -22.84 -17.43 1.33
CA ASP A 93 -23.27 -16.05 1.39
C ASP A 93 -23.62 -15.70 2.84
N GLY A 94 -23.94 -14.42 3.05
CA GLY A 94 -24.43 -13.95 4.32
C GLY A 94 -23.46 -14.18 5.47
N GLN A 95 -24.01 -14.46 6.64
CA GLN A 95 -23.20 -14.63 7.84
C GLN A 95 -22.28 -15.84 7.72
N ALA A 96 -22.82 -16.97 7.24
CA ALA A 96 -22.05 -18.21 7.18
C ALA A 96 -20.74 -18.04 6.42
N HIS A 97 -20.71 -17.14 5.42
CA HIS A 97 -19.46 -16.87 4.73
C HIS A 97 -18.49 -16.10 5.63
N LYS A 98 -18.98 -15.01 6.23
CA LYS A 98 -18.13 -14.18 7.08
C LYS A 98 -17.46 -14.98 8.18
N VAL A 99 -18.18 -15.95 8.75
CA VAL A 99 -17.57 -16.80 9.78
C VAL A 99 -16.50 -17.70 9.18
N ARG A 100 -16.69 -18.15 7.93
CA ARG A 100 -15.72 -19.04 7.31
C ARG A 100 -14.50 -18.31 6.78
N LYS A 101 -14.71 -17.18 6.10
CA LYS A 101 -13.58 -16.41 5.59
C LYS A 101 -12.66 -15.96 6.72
N SER A 102 -13.24 -15.44 7.80
CA SER A 102 -12.45 -15.03 8.97
C SER A 102 -11.46 -16.11 9.38
N ALA A 103 -11.94 -17.35 9.51
CA ALA A 103 -11.08 -18.45 9.92
C ALA A 103 -10.10 -18.85 8.84
N MET A 104 -10.40 -18.56 7.58
CA MET A 104 -9.55 -18.94 6.46
C MET A 104 -8.59 -17.83 6.03
N ALA A 105 -9.05 -16.58 6.00
CA ALA A 105 -8.15 -15.47 5.77
C ALA A 105 -7.17 -15.29 6.92
N ALA A 106 -7.46 -15.85 8.09
CA ALA A 106 -6.52 -15.82 9.21
C ALA A 106 -5.25 -16.60 8.94
N MET A 107 -5.23 -17.43 7.90
CA MET A 107 -4.08 -18.24 7.54
C MET A 107 -3.39 -17.76 6.28
N ALA A 108 -4.13 -17.32 5.27
CA ALA A 108 -3.54 -16.89 4.02
C ALA A 108 -3.28 -15.39 3.96
N TYR A 109 -4.03 -14.60 4.74
CA TYR A 109 -3.90 -13.15 4.69
C TYR A 109 -3.07 -12.58 5.84
N ASP A 110 -2.66 -13.39 6.80
CA ASP A 110 -1.82 -12.90 7.89
C ASP A 110 -0.39 -12.73 7.38
N ASP A 111 0.14 -11.51 7.50
CA ASP A 111 1.45 -11.21 6.96
C ASP A 111 2.54 -12.07 7.61
N GLU A 112 2.37 -12.44 8.88
CA GLU A 112 3.36 -13.29 9.54
C GLU A 112 3.40 -14.67 8.91
N ARG A 113 2.24 -15.29 8.70
CA ARG A 113 2.20 -16.62 8.10
C ARG A 113 2.63 -16.59 6.64
N VAL A 114 2.39 -15.48 5.94
CA VAL A 114 2.87 -15.35 4.57
C VAL A 114 4.39 -15.37 4.53
N GLU A 115 5.03 -14.63 5.44
CA GLU A 115 6.48 -14.65 5.53
C GLU A 115 7.01 -16.04 5.86
N ALA A 116 6.27 -16.80 6.68
CA ALA A 116 6.67 -18.18 6.94
C ALA A 116 6.58 -19.02 5.67
N PHE A 117 5.52 -18.86 4.89
CA PHE A 117 5.43 -19.56 3.61
C PHE A 117 6.52 -19.09 2.64
N ARG A 118 6.92 -17.82 2.73
CA ARG A 118 7.94 -17.30 1.83
C ARG A 118 9.25 -18.07 1.98
N GLY A 119 9.58 -18.48 3.21
CA GLY A 119 10.78 -19.27 3.40
C GLY A 119 10.64 -20.68 2.86
N PHE A 120 9.45 -21.27 2.99
CA PHE A 120 9.22 -22.62 2.48
C PHE A 120 9.29 -22.66 0.96
N VAL A 121 8.63 -21.69 0.30
CA VAL A 121 8.64 -21.69 -1.16
C VAL A 121 10.02 -21.37 -1.71
N GLU A 122 10.81 -20.58 -0.97
CA GLU A 122 12.18 -20.34 -1.38
C GLU A 122 12.99 -21.62 -1.28
N GLU A 123 12.90 -22.32 -0.15
CA GLU A 123 13.62 -23.56 0.04
C GLU A 123 13.21 -24.60 -1.01
N GLU A 124 11.90 -24.73 -1.27
CA GLU A 124 11.44 -25.72 -2.24
C GLU A 124 11.88 -25.35 -3.65
N MET A 125 11.80 -24.07 -4.02
CA MET A 125 12.22 -23.65 -5.35
C MET A 125 13.73 -23.81 -5.51
N LYS A 126 14.51 -23.38 -4.51
CA LYS A 126 15.96 -23.53 -4.56
C LYS A 126 16.39 -24.97 -4.83
N ALA A 127 15.59 -25.95 -4.38
CA ALA A 127 15.90 -27.35 -4.66
C ALA A 127 15.64 -27.70 -6.13
N LEU A 128 14.47 -27.31 -6.64
CA LEU A 128 14.09 -27.66 -8.00
C LEU A 128 15.16 -27.25 -9.01
N ILE A 129 15.61 -25.99 -8.95
CA ILE A 129 16.64 -25.53 -9.87
C ILE A 129 17.88 -26.41 -9.81
N GLU A 130 18.08 -27.12 -8.69
CA GLU A 130 19.23 -28.01 -8.58
C GLU A 130 18.90 -29.38 -9.15
N ARG A 131 17.67 -29.85 -8.90
CA ARG A 131 17.22 -31.09 -9.50
C ARG A 131 17.18 -30.97 -11.02
N TRP A 132 16.70 -29.84 -11.52
CA TRP A 132 16.60 -29.63 -12.96
C TRP A 132 17.96 -29.83 -13.62
N LYS A 133 19.05 -29.45 -12.93
CA LYS A 133 20.39 -29.69 -13.44
C LYS A 133 20.60 -31.16 -13.78
N THR A 134 20.06 -32.06 -12.97
CA THR A 134 20.23 -33.50 -13.20
C THR A 134 19.12 -34.07 -14.07
N ASN A 135 17.87 -33.80 -13.72
CA ASN A 135 16.71 -34.22 -14.52
C ASN A 135 15.84 -33.02 -14.83
N PRO A 136 16.00 -32.39 -16.00
CA PRO A 136 15.18 -31.23 -16.34
C PRO A 136 13.76 -31.63 -16.74
N GLY A 137 12.86 -30.66 -16.64
CA GLY A 137 11.48 -30.88 -17.01
C GLY A 137 10.80 -29.63 -17.53
N ASN A 138 9.61 -29.33 -17.02
CA ASN A 138 8.86 -28.15 -17.45
C ASN A 138 8.43 -27.34 -16.23
N ILE A 139 8.08 -26.07 -16.47
CA ILE A 139 7.72 -25.17 -15.39
C ILE A 139 6.39 -25.58 -14.77
N TYR A 140 5.37 -25.81 -15.59
CA TYR A 140 4.03 -26.04 -15.05
C TYR A 140 4.00 -27.23 -14.11
N ASP A 141 4.52 -28.37 -14.53
CA ASP A 141 4.41 -29.58 -13.72
C ASP A 141 5.36 -29.55 -12.53
N ASP A 142 6.63 -29.23 -12.76
CA ASP A 142 7.62 -29.34 -11.69
C ASP A 142 7.45 -28.25 -10.64
N VAL A 143 7.13 -27.03 -11.06
CA VAL A 143 6.93 -25.96 -10.09
C VAL A 143 5.62 -26.18 -9.33
N ALA A 144 4.67 -26.88 -9.93
CA ALA A 144 3.44 -27.23 -9.22
C ALA A 144 3.75 -28.12 -8.02
N VAL A 145 4.62 -29.11 -8.20
CA VAL A 145 5.03 -29.95 -7.08
C VAL A 145 5.77 -29.11 -6.03
N ALA A 146 6.71 -28.28 -6.48
CA ALA A 146 7.43 -27.41 -5.56
C ALA A 146 6.47 -26.50 -4.81
N TYR A 147 5.51 -25.90 -5.51
CA TYR A 147 4.49 -25.09 -4.85
C TYR A 147 3.69 -25.92 -3.87
N GLY A 148 3.31 -27.14 -4.26
CA GLY A 148 2.58 -28.01 -3.36
C GLY A 148 3.40 -28.43 -2.16
N ARG A 149 4.66 -28.80 -2.38
CA ARG A 149 5.54 -29.16 -1.27
C ARG A 149 5.67 -28.00 -0.28
N ALA A 150 5.79 -26.78 -0.78
CA ALA A 150 5.88 -25.61 0.10
C ALA A 150 4.58 -25.37 0.86
N ALA A 151 3.46 -25.37 0.13
CA ALA A 151 2.17 -25.08 0.76
C ALA A 151 1.80 -26.12 1.81
N PHE A 152 2.14 -27.39 1.55
CA PHE A 152 1.80 -28.44 2.51
C PHE A 152 2.64 -28.32 3.77
N ARG A 153 3.95 -28.13 3.62
CA ARG A 153 4.81 -27.96 4.79
C ARG A 153 4.48 -26.68 5.55
N TRP A 154 4.11 -25.63 4.83
CA TRP A 154 3.69 -24.39 5.49
C TRP A 154 2.41 -24.60 6.30
N ALA A 155 1.51 -25.45 5.80
CA ALA A 155 0.26 -25.73 6.49
C ALA A 155 0.42 -26.71 7.63
N GLY A 156 1.56 -27.41 7.72
CA GLY A 156 1.73 -28.42 8.73
C GLY A 156 1.10 -29.76 8.38
N VAL A 157 1.05 -30.10 7.10
CA VAL A 157 0.47 -31.36 6.65
C VAL A 157 1.39 -32.51 7.06
N PRO A 158 0.92 -33.44 7.88
CA PRO A 158 1.77 -34.56 8.33
C PRO A 158 1.72 -35.75 7.36
N ALA A 159 2.42 -35.62 6.24
CA ALA A 159 2.48 -36.68 5.25
C ALA A 159 3.91 -36.84 4.77
N SER A 160 4.17 -37.98 4.15
CA SER A 160 5.49 -38.28 3.61
C SER A 160 5.75 -37.44 2.36
N ASP A 161 6.97 -37.57 1.84
CA ASP A 161 7.33 -36.85 0.63
C ASP A 161 6.48 -37.33 -0.54
N ARG A 162 6.20 -38.64 -0.60
CA ARG A 162 5.44 -39.18 -1.72
C ARG A 162 4.03 -38.59 -1.76
N GLU A 163 3.34 -38.55 -0.62
CA GLU A 163 1.99 -38.00 -0.59
C GLU A 163 2.00 -36.52 -0.95
N LEU A 164 2.99 -35.79 -0.44
CA LEU A 164 3.10 -34.36 -0.72
C LEU A 164 3.26 -34.15 -2.22
N ASN A 165 4.19 -34.89 -2.81
CA ASN A 165 4.36 -34.82 -4.24
C ASN A 165 3.12 -35.41 -4.92
N LYS A 166 2.52 -36.45 -4.32
CA LYS A 166 1.39 -37.04 -5.03
C LYS A 166 0.19 -36.06 -5.06
N ARG A 167 -0.33 -35.67 -3.89
CA ARG A 167 -1.50 -34.78 -3.85
C ARG A 167 -1.29 -33.50 -4.66
N ALA A 168 -0.04 -33.00 -4.69
CA ALA A 168 0.26 -31.79 -5.46
C ALA A 168 -0.01 -31.99 -6.95
N THR A 169 0.51 -33.08 -7.52
CA THR A 169 0.29 -33.32 -8.95
C THR A 169 -1.16 -33.68 -9.23
N GLN A 170 -1.87 -34.28 -8.26
CA GLN A 170 -3.30 -34.52 -8.44
C GLN A 170 -4.07 -33.21 -8.44
N MET A 171 -3.55 -32.21 -7.72
CA MET A 171 -4.17 -30.90 -7.68
C MET A 171 -3.90 -30.12 -8.95
N SER A 172 -2.67 -30.21 -9.48
CA SER A 172 -2.36 -29.60 -10.76
C SER A 172 -3.12 -30.28 -11.89
N HIS A 173 -3.28 -31.61 -11.81
CA HIS A 173 -4.06 -32.33 -12.79
C HIS A 173 -5.50 -31.82 -12.84
N LEU A 174 -6.07 -31.49 -11.68
CA LEU A 174 -7.43 -30.97 -11.64
C LEU A 174 -7.55 -29.68 -12.45
N LEU A 175 -6.64 -28.73 -12.22
CA LEU A 175 -6.71 -27.45 -12.89
C LEU A 175 -6.56 -27.59 -14.40
N ASP A 176 -5.78 -28.57 -14.84
CA ASP A 176 -5.62 -28.82 -16.27
C ASP A 176 -6.82 -29.56 -16.86
N THR A 177 -7.57 -30.30 -16.04
CA THR A 177 -8.64 -31.14 -16.56
C THR A 177 -10.00 -30.44 -16.50
N PHE A 178 -10.32 -29.79 -15.39
CA PHE A 178 -11.55 -29.02 -15.34
C PHE A 178 -11.49 -27.89 -16.36
N GLY A 179 -12.65 -27.38 -16.74
CA GLY A 179 -12.69 -26.40 -17.81
C GLY A 179 -12.51 -26.97 -19.19
N GLU A 180 -12.05 -28.22 -19.29
CA GLU A 180 -11.94 -28.92 -20.55
C GLU A 180 -13.10 -29.91 -20.60
N VAL A 181 -13.98 -29.75 -21.59
CA VAL A 181 -15.19 -30.57 -21.64
C VAL A 181 -14.85 -32.05 -21.79
N LYS A 182 -13.75 -32.36 -22.47
CA LYS A 182 -13.32 -33.73 -22.70
C LYS A 182 -12.44 -34.27 -21.57
N GLN A 183 -12.34 -33.54 -20.45
CA GLN A 183 -11.53 -33.96 -19.33
C GLN A 183 -12.14 -33.66 -17.98
N ASN A 184 -13.24 -32.91 -17.91
CA ASN A 184 -13.85 -32.57 -16.63
C ASN A 184 -14.21 -33.82 -15.81
N VAL A 185 -14.48 -34.93 -16.50
CA VAL A 185 -14.77 -36.18 -15.79
C VAL A 185 -13.58 -36.61 -14.95
N LEU A 186 -12.36 -36.32 -15.39
CA LEU A 186 -11.19 -36.70 -14.62
C LEU A 186 -11.05 -35.85 -13.36
N SER A 187 -11.34 -34.54 -13.46
CA SER A 187 -11.23 -33.67 -12.30
C SER A 187 -12.22 -34.06 -11.20
N TRP A 188 -13.33 -34.69 -11.58
CA TRP A 188 -14.24 -35.25 -10.58
C TRP A 188 -13.60 -36.41 -9.85
N MET A 189 -12.83 -37.24 -10.57
CA MET A 189 -12.12 -38.34 -9.93
C MET A 189 -10.99 -37.82 -9.05
N ASP A 190 -10.30 -36.77 -9.49
CA ASP A 190 -9.24 -36.18 -8.70
C ASP A 190 -9.77 -35.64 -7.37
N ARG A 191 -10.86 -34.87 -7.43
CA ARG A 191 -11.43 -34.33 -6.19
C ARG A 191 -11.86 -35.44 -5.25
N ARG A 192 -12.49 -36.49 -5.78
CA ARG A 192 -12.89 -37.61 -4.94
C ARG A 192 -11.71 -38.21 -4.20
N LYS A 193 -10.56 -38.33 -4.89
CA LYS A 193 -9.36 -38.84 -4.23
C LYS A 193 -8.84 -37.84 -3.20
N LEU A 194 -8.71 -36.57 -3.60
CA LEU A 194 -8.17 -35.57 -2.69
C LEU A 194 -9.08 -35.33 -1.49
N ASP A 195 -10.39 -35.26 -1.72
CA ASP A 195 -11.34 -35.12 -0.62
C ASP A 195 -11.16 -36.23 0.40
N ALA A 196 -10.91 -37.45 -0.07
CA ALA A 196 -10.76 -38.59 0.83
C ALA A 196 -9.45 -38.53 1.60
N TRP A 197 -8.35 -38.17 0.94
CA TRP A 197 -7.08 -38.07 1.63
C TRP A 197 -7.09 -36.95 2.65
N ALA A 198 -7.69 -35.81 2.32
CA ALA A 198 -7.77 -34.71 3.27
C ALA A 198 -8.68 -35.05 4.43
N GLU A 199 -9.85 -35.66 4.15
CA GLU A 199 -10.77 -36.04 5.21
C GLU A 199 -10.12 -37.02 6.18
N ASP A 200 -9.43 -38.03 5.64
CA ASP A 200 -8.71 -38.97 6.50
C ASP A 200 -7.67 -38.25 7.34
N LEU A 201 -6.96 -37.29 6.73
CA LEU A 201 -5.94 -36.54 7.47
C LEU A 201 -6.57 -35.76 8.62
N ILE A 202 -7.65 -35.03 8.34
CA ILE A 202 -8.29 -34.22 9.39
C ILE A 202 -8.85 -35.12 10.48
N LYS A 203 -9.38 -36.29 10.10
CA LYS A 203 -9.94 -37.19 11.10
C LYS A 203 -8.88 -37.73 12.04
N LYS A 204 -7.69 -38.02 11.52
CA LYS A 204 -6.61 -38.51 12.37
C LYS A 204 -5.95 -37.40 13.18
N VAL A 205 -6.06 -36.15 12.73
CA VAL A 205 -5.60 -35.03 13.54
C VAL A 205 -6.52 -34.81 14.73
N ARG A 206 -7.83 -34.94 14.52
CA ARG A 206 -8.78 -34.79 15.61
C ARG A 206 -8.67 -35.92 16.63
N SER A 207 -8.26 -37.11 16.19
CA SER A 207 -8.12 -38.25 17.08
C SER A 207 -6.77 -38.31 17.79
N GLY A 208 -5.83 -37.43 17.44
CA GLY A 208 -4.50 -37.50 17.98
C GLY A 208 -3.60 -38.52 17.33
N GLU A 209 -4.13 -39.35 16.43
CA GLU A 209 -3.28 -40.29 15.70
C GLU A 209 -2.20 -39.56 14.90
N LEU A 210 -2.53 -38.37 14.38
CA LEU A 210 -1.59 -37.53 13.65
C LEU A 210 -1.54 -36.19 14.37
N THR A 211 -0.43 -35.92 15.05
CA THR A 211 -0.26 -34.69 15.81
C THR A 211 0.45 -33.64 14.96
N VAL A 212 -0.11 -32.42 14.95
CA VAL A 212 0.42 -31.33 14.16
C VAL A 212 0.72 -30.16 15.09
N ASP A 213 1.43 -29.17 14.56
CA ASP A 213 1.73 -27.98 15.34
C ASP A 213 0.44 -27.31 15.79
N PRO A 214 0.36 -26.88 17.06
CA PRO A 214 -0.91 -26.33 17.56
C PRO A 214 -1.40 -25.11 16.81
N ASP A 215 -0.49 -24.32 16.22
CA ASP A 215 -0.89 -23.13 15.48
C ASP A 215 -0.80 -23.31 13.97
N SER A 216 -0.71 -24.55 13.50
CA SER A 216 -0.57 -24.79 12.08
C SER A 216 -1.91 -24.60 11.37
N VAL A 217 -1.83 -24.39 10.05
CA VAL A 217 -3.05 -24.24 9.26
C VAL A 217 -3.87 -25.52 9.28
N VAL A 218 -3.21 -26.68 9.33
CA VAL A 218 -3.92 -27.95 9.43
C VAL A 218 -4.74 -28.00 10.71
N ARG A 219 -4.18 -27.49 11.81
CA ARG A 219 -4.90 -27.52 13.08
C ARG A 219 -6.09 -26.59 13.06
N HIS A 220 -5.90 -25.35 12.57
CA HIS A 220 -7.00 -24.41 12.47
C HIS A 220 -8.09 -24.89 11.52
N MET A 221 -7.75 -25.77 10.59
CA MET A 221 -8.76 -26.37 9.72
C MET A 221 -9.51 -27.50 10.43
N ALA A 222 -8.78 -28.33 11.19
CA ALA A 222 -9.44 -29.40 11.93
C ALA A 222 -10.37 -28.86 13.01
N ASP A 223 -10.04 -27.69 13.56
CA ASP A 223 -10.87 -27.02 14.55
C ASP A 223 -11.76 -25.96 13.94
N LEU A 224 -12.13 -26.14 12.68
CA LEU A 224 -12.96 -25.15 12.00
C LEU A 224 -14.39 -25.24 12.51
N ARG A 225 -14.98 -24.08 12.73
CA ARG A 225 -16.37 -23.98 13.15
C ARG A 225 -17.07 -23.01 12.21
N ASP A 226 -18.39 -23.08 12.22
CA ASP A 226 -19.27 -22.37 11.33
C ASP A 226 -20.01 -21.25 12.08
N GLU A 227 -21.17 -20.89 11.58
CA GLU A 227 -22.05 -19.90 12.20
C GLU A 227 -22.86 -20.55 13.30
N LYS A 228 -22.87 -21.90 13.31
CA LYS A 228 -23.71 -22.66 14.21
C LYS A 228 -23.01 -22.76 15.56
N GLY A 229 -21.75 -22.36 15.63
CA GLY A 229 -20.93 -22.64 16.78
C GLY A 229 -20.51 -24.08 16.82
N GLU A 230 -20.81 -24.86 15.79
CA GLU A 230 -20.41 -26.25 15.73
C GLU A 230 -19.28 -26.47 14.73
N LEU A 231 -18.40 -27.42 15.06
CA LEU A 231 -17.28 -27.71 14.19
C LEU A 231 -17.74 -28.41 12.93
N VAL A 232 -17.11 -28.06 11.81
CA VAL A 232 -17.55 -28.61 10.52
C VAL A 232 -17.21 -30.09 10.44
N THR A 233 -17.86 -30.78 9.51
CA THR A 233 -17.55 -32.19 9.29
C THR A 233 -16.11 -32.34 8.83
N ALA A 234 -15.50 -33.46 9.24
CA ALA A 234 -14.09 -33.70 8.92
C ALA A 234 -13.81 -33.64 7.42
N LYS A 235 -14.78 -34.04 6.60
CA LYS A 235 -14.63 -33.89 5.16
C LYS A 235 -14.51 -32.41 4.78
N LEU A 236 -15.47 -31.59 5.21
CA LEU A 236 -15.46 -30.18 4.85
C LEU A 236 -14.20 -29.49 5.33
N ALA A 237 -13.72 -29.84 6.53
CA ALA A 237 -12.42 -29.35 6.98
C ALA A 237 -11.30 -29.74 6.02
N GLY A 238 -11.47 -30.84 5.30
CA GLY A 238 -10.49 -31.26 4.32
C GLY A 238 -10.64 -30.57 2.98
N ILE A 239 -11.89 -30.31 2.56
CA ILE A 239 -12.11 -29.51 1.37
C ILE A 239 -11.51 -28.12 1.56
N GLU A 240 -11.71 -27.54 2.75
CA GLU A 240 -11.22 -26.20 3.02
C GLU A 240 -9.71 -26.19 3.27
N LEU A 241 -9.14 -27.30 3.72
CA LEU A 241 -7.69 -27.42 3.78
C LEU A 241 -7.08 -27.39 2.37
N GLN A 242 -7.76 -28.03 1.42
CA GLN A 242 -7.31 -27.98 0.03
C GLN A 242 -7.39 -26.57 -0.52
N ASN A 243 -8.43 -25.81 -0.17
CA ASN A 243 -8.60 -24.45 -0.67
C ASN A 243 -7.60 -23.47 -0.08
N LEU A 244 -6.59 -24.01 0.59
CA LEU A 244 -5.49 -23.23 1.15
C LEU A 244 -4.15 -23.84 0.77
N THR A 245 -4.16 -24.87 -0.08
CA THR A 245 -2.96 -25.53 -0.56
C THR A 245 -3.06 -25.74 -2.07
N ARG A 246 -4.20 -26.23 -2.54
CA ARG A 246 -4.40 -26.40 -3.98
C ARG A 246 -4.27 -25.10 -4.76
N PRO A 247 -4.87 -23.97 -4.34
CA PRO A 247 -4.72 -22.75 -5.12
C PRO A 247 -3.28 -22.25 -5.20
N THR A 248 -2.39 -22.78 -4.37
CA THR A 248 -0.96 -22.46 -4.47
C THR A 248 -0.32 -23.25 -5.61
N VAL A 249 -0.64 -24.54 -5.71
CA VAL A 249 -0.21 -25.36 -6.85
C VAL A 249 -0.66 -24.71 -8.16
N ALA A 250 -1.74 -23.92 -8.11
CA ALA A 250 -2.25 -23.27 -9.31
C ALA A 250 -1.27 -22.25 -9.88
N VAL A 251 -0.45 -21.63 -9.04
CA VAL A 251 0.42 -20.54 -9.50
C VAL A 251 1.46 -21.02 -10.50
N SER A 252 1.71 -22.33 -10.58
CA SER A 252 2.64 -22.83 -11.60
C SER A 252 2.20 -22.46 -13.01
N ARG A 253 0.90 -22.24 -13.21
CA ARG A 253 0.43 -21.70 -14.49
C ARG A 253 0.88 -20.25 -14.66
N PHE A 254 0.79 -19.46 -13.59
CA PHE A 254 1.33 -18.11 -13.62
C PHE A 254 2.85 -18.14 -13.78
N ALA A 255 3.52 -19.10 -13.13
CA ALA A 255 4.96 -19.26 -13.31
C ALA A 255 5.30 -19.61 -14.75
N ALA A 256 4.47 -20.44 -15.38
CA ALA A 256 4.65 -20.74 -16.79
C ALA A 256 4.53 -19.46 -17.63
N PHE A 257 3.44 -18.71 -17.42
CA PHE A 257 3.30 -17.43 -18.10
C PHE A 257 4.47 -16.50 -17.80
N ALA A 258 4.91 -16.47 -16.54
CA ALA A 258 6.04 -15.62 -16.18
C ALA A 258 7.32 -16.05 -16.86
N ALA A 259 7.50 -17.36 -17.10
CA ALA A 259 8.70 -17.84 -17.77
C ALA A 259 8.76 -17.37 -19.22
N VAL A 260 7.62 -17.35 -19.90
CA VAL A 260 7.58 -16.84 -21.27
C VAL A 260 7.93 -15.36 -21.30
N ALA A 261 7.36 -14.58 -20.36
CA ALA A 261 7.59 -13.15 -20.35
C ALA A 261 9.06 -12.81 -20.15
N MET A 262 9.82 -13.69 -19.53
CA MET A 262 11.24 -13.41 -19.32
C MET A 262 12.02 -13.51 -20.62
N VAL A 263 11.84 -14.60 -21.37
CA VAL A 263 12.47 -14.70 -22.67
C VAL A 263 11.90 -13.67 -23.64
N GLU A 264 10.73 -13.11 -23.34
CA GLU A 264 10.16 -12.06 -24.16
C GLU A 264 10.62 -10.67 -23.71
N ASN A 265 10.99 -10.52 -22.44
CA ASN A 265 11.47 -9.26 -21.89
C ASN A 265 12.81 -9.51 -21.20
N PRO A 266 13.89 -9.62 -21.96
CA PRO A 266 15.20 -9.94 -21.35
C PRO A 266 15.75 -8.82 -20.49
N GLU A 267 15.28 -7.59 -20.66
CA GLU A 267 15.75 -6.49 -19.83
C GLU A 267 15.29 -6.66 -18.39
N TRP A 268 13.99 -6.87 -18.20
CA TRP A 268 13.47 -7.09 -16.85
C TRP A 268 13.99 -8.39 -16.26
N ALA A 269 14.27 -9.39 -17.11
CA ALA A 269 14.87 -10.62 -16.61
C ALA A 269 16.24 -10.35 -15.98
N ALA A 270 17.05 -9.48 -16.63
CA ALA A 270 18.39 -9.16 -16.12
C ALA A 270 18.34 -8.24 -14.90
N LYS A 271 17.38 -7.30 -14.92
CA LYS A 271 16.97 -6.54 -13.74
C LYS A 271 16.64 -7.40 -12.54
N VAL A 272 15.87 -8.48 -12.71
CA VAL A 272 15.66 -9.39 -11.58
C VAL A 272 16.99 -10.05 -11.20
N LYS A 273 17.75 -10.53 -12.20
CA LYS A 273 19.04 -11.19 -11.94
C LYS A 273 19.96 -10.33 -11.07
N ASN A 274 20.15 -9.07 -11.46
CA ASN A 274 20.91 -8.15 -10.62
C ASN A 274 20.34 -8.10 -9.21
N ALA A 275 19.02 -7.97 -9.09
CA ALA A 275 18.36 -7.89 -7.79
C ALA A 275 18.73 -9.07 -6.90
N VAL A 276 18.57 -10.30 -7.40
CA VAL A 276 18.84 -11.47 -6.58
C VAL A 276 20.32 -11.54 -6.20
N GLU A 277 21.21 -11.20 -7.13
CA GLU A 277 22.65 -11.21 -6.86
C GLU A 277 22.97 -10.30 -5.67
N ASP A 278 22.32 -9.14 -5.61
CA ASP A 278 22.51 -8.24 -4.46
C ASP A 278 21.91 -8.83 -3.19
N ALA A 279 20.82 -9.60 -3.31
CA ALA A 279 20.20 -10.19 -2.14
C ALA A 279 20.92 -11.44 -1.68
N ASP A 280 22.08 -11.72 -2.26
CA ASP A 280 22.90 -12.89 -1.95
C ASP A 280 22.06 -14.17 -1.98
N GLY A 281 21.53 -14.46 -3.17
CA GLY A 281 20.83 -15.71 -3.47
C GLY A 281 19.37 -15.82 -3.11
N ARG A 282 18.94 -15.10 -2.07
CA ARG A 282 17.55 -15.12 -1.60
C ARG A 282 16.59 -14.81 -2.73
N LEU A 283 15.58 -15.67 -2.90
CA LEU A 283 14.63 -15.53 -3.99
C LEU A 283 13.33 -14.83 -3.59
N VAL A 284 13.13 -14.53 -2.31
CA VAL A 284 11.88 -13.94 -1.84
C VAL A 284 12.09 -12.49 -1.45
N ASN A 285 10.97 -11.76 -1.38
CA ASN A 285 10.95 -10.36 -0.97
C ASN A 285 11.87 -9.50 -1.83
N ILE A 286 12.02 -9.87 -3.10
CA ILE A 286 12.80 -9.10 -4.07
C ILE A 286 11.84 -8.16 -4.79
N PRO A 287 11.86 -6.86 -4.52
CA PRO A 287 10.86 -5.95 -5.12
C PRO A 287 10.77 -6.06 -6.64
N GLU A 288 11.89 -6.27 -7.33
CA GLU A 288 11.86 -6.40 -8.78
C GLU A 288 11.11 -7.65 -9.22
N ALA A 289 11.43 -8.79 -8.59
CA ALA A 289 10.72 -10.03 -8.92
C ALA A 289 9.26 -9.98 -8.52
N VAL A 290 8.93 -9.27 -7.43
CA VAL A 290 7.55 -9.12 -7.03
C VAL A 290 6.77 -8.32 -8.07
N ALA A 291 7.36 -7.22 -8.56
CA ALA A 291 6.71 -6.43 -9.59
C ALA A 291 6.53 -7.23 -10.87
N PHE A 292 7.54 -8.01 -11.25
CA PHE A 292 7.42 -8.89 -12.41
C PHE A 292 6.28 -9.88 -12.23
N ALA A 293 6.10 -10.40 -11.01
CA ALA A 293 5.05 -11.37 -10.75
C ALA A 293 3.66 -10.76 -10.89
N GLN A 294 3.48 -9.52 -10.43
CA GLN A 294 2.15 -8.89 -10.51
C GLN A 294 1.75 -8.62 -11.96
N GLU A 295 2.68 -8.16 -12.80
CA GLU A 295 2.35 -7.90 -14.19
C GLU A 295 1.97 -9.21 -14.91
N THR A 296 2.60 -10.31 -14.52
CA THR A 296 2.19 -11.61 -15.08
C THR A 296 0.76 -11.94 -14.71
N ARG A 297 0.39 -11.70 -13.45
CA ARG A 297 -0.98 -11.93 -13.01
C ARG A 297 -1.96 -11.01 -13.74
N ARG A 298 -1.50 -9.82 -14.14
CA ARG A 298 -2.39 -8.84 -14.77
C ARG A 298 -2.59 -9.14 -16.24
N LYS A 299 -1.52 -9.46 -16.97
CA LYS A 299 -1.59 -9.55 -18.42
C LYS A 299 -2.09 -10.92 -18.88
N TYR A 300 -1.71 -11.99 -18.18
CA TYR A 300 -1.94 -13.31 -18.75
C TYR A 300 -3.28 -13.88 -18.31
N PRO A 301 -3.88 -14.76 -19.13
CA PRO A 301 -5.23 -15.26 -18.81
C PRO A 301 -5.22 -16.46 -17.89
N PHE A 302 -5.96 -16.35 -16.78
CA PHE A 302 -6.14 -17.45 -15.84
C PHE A 302 -7.62 -17.55 -15.50
N VAL A 303 -8.09 -16.62 -14.67
CA VAL A 303 -9.52 -16.51 -14.35
C VAL A 303 -10.16 -15.65 -15.42
N PRO A 304 -11.06 -16.19 -16.25
CA PRO A 304 -11.68 -15.39 -17.32
C PRO A 304 -12.64 -14.33 -16.80
N MET A 305 -13.67 -14.76 -16.09
CA MET A 305 -14.68 -13.87 -15.55
C MET A 305 -15.24 -14.49 -14.28
N LEU A 306 -15.99 -13.69 -13.53
CA LEU A 306 -16.57 -14.16 -12.27
C LEU A 306 -18.09 -14.12 -12.38
N PRO A 307 -18.79 -15.23 -12.21
CA PRO A 307 -20.25 -15.20 -12.16
C PRO A 307 -20.79 -15.01 -10.75
N ALA A 308 -21.93 -14.34 -10.68
CA ALA A 308 -22.57 -14.04 -9.41
C ALA A 308 -24.07 -13.92 -9.62
N MET A 309 -24.82 -14.26 -8.58
CA MET A 309 -26.27 -14.18 -8.63
C MET A 309 -26.74 -12.79 -8.23
N VAL A 310 -27.93 -12.43 -8.69
CA VAL A 310 -28.52 -11.12 -8.44
C VAL A 310 -29.65 -11.28 -7.43
N LYS A 311 -29.63 -10.46 -6.38
CA LYS A 311 -30.62 -10.57 -5.32
C LYS A 311 -31.91 -9.85 -5.69
N GLU A 312 -31.81 -8.61 -6.17
CA GLU A 312 -32.98 -7.83 -6.54
C GLU A 312 -32.73 -7.12 -7.87
N ASP A 313 -33.81 -6.67 -8.50
CA ASP A 313 -33.71 -5.91 -9.73
C ASP A 313 -32.95 -4.61 -9.50
N THR A 314 -31.89 -4.39 -10.26
CA THR A 314 -31.13 -3.14 -10.17
C THR A 314 -30.55 -2.83 -11.55
N GLU A 315 -29.59 -1.90 -11.59
CA GLU A 315 -29.15 -1.31 -12.84
C GLU A 315 -27.67 -0.97 -12.76
N LEU A 316 -27.01 -1.04 -13.91
CA LEU A 316 -25.61 -0.66 -14.05
C LEU A 316 -25.42 0.10 -15.35
N SER A 317 -25.18 1.41 -15.26
CA SER A 317 -24.85 2.24 -16.41
C SER A 317 -25.91 2.13 -17.51
N GLY A 318 -27.17 2.29 -17.13
CA GLY A 318 -28.28 2.27 -18.05
C GLY A 318 -28.84 0.91 -18.37
N CYS A 319 -28.00 -0.11 -18.32
CA CYS A 319 -28.44 -1.47 -18.64
C CYS A 319 -29.15 -2.10 -17.43
N PRO A 320 -30.42 -2.51 -17.56
CA PRO A 320 -31.12 -3.12 -16.43
C PRO A 320 -30.80 -4.60 -16.30
N ILE A 321 -30.65 -5.04 -15.05
CA ILE A 321 -30.44 -6.46 -14.75
C ILE A 321 -31.49 -6.87 -13.73
N GLN A 322 -31.99 -8.09 -13.87
CA GLN A 322 -33.16 -8.54 -13.13
C GLN A 322 -32.76 -9.49 -12.01
N LYS A 323 -33.74 -9.81 -11.18
CA LYS A 323 -33.54 -10.75 -10.09
C LYS A 323 -33.21 -12.15 -10.62
N GLY A 324 -32.44 -12.90 -9.83
CA GLY A 324 -32.09 -14.26 -10.19
C GLY A 324 -31.21 -14.36 -11.42
N GLN A 325 -30.63 -13.27 -11.86
CA GLN A 325 -29.78 -13.22 -13.03
C GLN A 325 -28.33 -13.50 -12.64
N ARG A 326 -27.55 -13.97 -13.61
CA ARG A 326 -26.13 -14.21 -13.41
C ARG A 326 -25.36 -13.09 -14.10
N VAL A 327 -24.50 -12.41 -13.35
CA VAL A 327 -23.65 -11.37 -13.91
C VAL A 327 -22.22 -11.90 -13.96
N PHE A 328 -21.46 -11.41 -14.94
CA PHE A 328 -20.09 -11.85 -15.15
C PHE A 328 -19.18 -10.64 -15.16
N LEU A 329 -18.15 -10.66 -14.31
CA LEU A 329 -17.17 -9.58 -14.20
C LEU A 329 -15.94 -9.96 -15.00
N ASP A 330 -15.73 -9.28 -16.13
CA ASP A 330 -14.54 -9.49 -16.94
C ASP A 330 -13.28 -9.13 -16.17
N VAL A 331 -12.51 -10.13 -15.74
CA VAL A 331 -11.27 -9.84 -15.02
C VAL A 331 -10.11 -9.64 -16.00
N LEU A 332 -10.08 -10.40 -17.10
CA LEU A 332 -9.04 -10.18 -18.10
C LEU A 332 -9.27 -8.88 -18.86
N GLY A 333 -10.53 -8.51 -19.08
CA GLY A 333 -10.82 -7.30 -19.82
C GLY A 333 -10.54 -6.05 -19.02
N THR A 334 -10.81 -6.09 -17.71
CA THR A 334 -10.53 -4.96 -16.83
C THR A 334 -9.04 -4.82 -16.55
N ASN A 335 -8.35 -5.96 -16.33
CA ASN A 335 -6.92 -5.93 -16.07
C ASN A 335 -6.12 -5.42 -17.25
N ASN A 336 -6.69 -5.43 -18.46
CA ASN A 336 -5.98 -4.97 -19.65
C ASN A 336 -6.78 -3.92 -20.43
N SER A 337 -7.77 -3.29 -19.79
CA SER A 337 -8.53 -2.23 -20.44
C SER A 337 -7.65 -0.99 -20.58
N PRO A 338 -7.47 -0.46 -21.80
CA PRO A 338 -6.67 0.77 -21.94
C PRO A 338 -7.28 1.97 -21.22
N GLN A 339 -8.57 1.90 -20.88
CA GLN A 339 -9.18 2.95 -20.10
C GLN A 339 -8.56 3.05 -18.71
N LEU A 340 -8.13 1.92 -18.15
CA LEU A 340 -7.68 1.86 -16.77
C LEU A 340 -6.18 1.69 -16.61
N TRP A 341 -5.45 1.36 -17.68
CA TRP A 341 -4.03 1.09 -17.60
C TRP A 341 -3.28 1.86 -18.67
N ASN A 342 -2.04 2.24 -18.35
CA ASN A 342 -1.17 2.93 -19.28
C ASN A 342 -0.47 1.90 -20.15
N ASN A 343 -0.90 1.81 -21.42
CA ASN A 343 -0.40 0.82 -22.37
C ASN A 343 -0.51 -0.58 -21.78
N PRO A 344 -1.72 -1.12 -21.63
CA PRO A 344 -1.84 -2.48 -21.07
C PRO A 344 -1.32 -3.56 -22.00
N GLY A 345 -1.15 -3.26 -23.28
CA GLY A 345 -0.56 -4.23 -24.19
C GLY A 345 0.89 -4.51 -23.87
N GLU A 346 1.58 -3.55 -23.27
CA GLU A 346 2.98 -3.72 -22.91
C GLU A 346 3.10 -4.47 -21.60
N PHE A 347 3.95 -5.50 -21.58
CA PHE A 347 4.34 -6.15 -20.34
C PHE A 347 5.35 -5.25 -19.64
N ASN A 348 4.92 -4.59 -18.57
CA ASN A 348 5.74 -3.57 -17.90
C ASN A 348 5.60 -3.72 -16.40
N PRO A 349 6.50 -4.46 -15.76
CA PRO A 349 6.50 -4.52 -14.29
C PRO A 349 6.85 -3.20 -13.63
N GLN A 350 7.31 -2.21 -14.41
CA GLN A 350 7.58 -0.89 -13.86
C GLN A 350 6.30 -0.25 -13.34
N ARG A 351 5.15 -0.58 -13.94
CA ARG A 351 3.88 -0.04 -13.47
C ARG A 351 3.54 -0.55 -12.07
N PHE A 352 4.09 -1.70 -11.67
CA PHE A 352 3.86 -2.24 -10.34
C PHE A 352 5.02 -1.95 -9.40
N LEU A 353 6.06 -1.26 -9.88
CA LEU A 353 7.01 -0.60 -9.00
C LEU A 353 6.57 0.82 -8.67
N ASP A 354 5.80 1.46 -9.55
CA ASP A 354 5.25 2.77 -9.27
C ASP A 354 4.15 2.69 -8.22
N THR A 355 3.29 1.67 -8.31
CA THR A 355 2.24 1.43 -7.32
C THR A 355 2.36 -0.01 -6.82
N PRO A 356 3.16 -0.23 -5.76
CA PRO A 356 3.29 -1.58 -5.23
C PRO A 356 2.02 -2.07 -4.56
N ASP A 357 1.23 -1.17 -3.98
CA ASP A 357 -0.02 -1.54 -3.32
C ASP A 357 -1.07 -1.89 -4.36
N TYR A 358 -1.10 -3.17 -4.78
CA TYR A 358 -2.02 -3.60 -5.82
C TYR A 358 -3.48 -3.55 -5.38
N GLU A 359 -3.74 -3.56 -4.06
CA GLU A 359 -5.13 -3.51 -3.59
C GLU A 359 -5.74 -2.12 -3.71
N SER A 360 -4.91 -1.08 -3.86
CA SER A 360 -5.42 0.26 -4.12
C SER A 360 -5.88 0.44 -5.56
N ILE A 361 -5.42 -0.42 -6.47
CA ILE A 361 -5.81 -0.36 -7.87
C ILE A 361 -7.16 -1.07 -7.99
N LYS A 362 -8.23 -0.28 -8.15
CA LYS A 362 -9.56 -0.85 -8.22
C LYS A 362 -9.72 -1.75 -9.44
N GLY A 363 -9.07 -1.41 -10.55
CA GLY A 363 -9.17 -2.18 -11.77
C GLY A 363 -8.24 -3.37 -11.89
N PHE A 364 -7.46 -3.67 -10.85
CA PHE A 364 -6.56 -4.82 -10.85
C PHE A 364 -7.26 -5.94 -10.07
N ILE A 365 -7.92 -6.84 -10.80
CA ILE A 365 -8.76 -7.85 -10.18
C ILE A 365 -8.45 -9.26 -10.69
N PRO A 366 -7.18 -9.67 -10.77
CA PRO A 366 -6.90 -11.00 -11.33
C PRO A 366 -7.37 -12.14 -10.44
N GLN A 367 -7.56 -11.89 -9.14
CA GLN A 367 -8.04 -12.88 -8.20
C GLN A 367 -9.10 -12.28 -7.28
N GLY A 368 -9.90 -11.36 -7.80
CA GLY A 368 -10.94 -10.71 -7.02
C GLY A 368 -10.72 -9.21 -6.97
N GLY A 369 -11.78 -8.45 -6.65
CA GLY A 369 -11.67 -7.00 -6.67
C GLY A 369 -12.11 -6.25 -5.44
N GLY A 370 -13.06 -6.80 -4.68
CA GLY A 370 -13.53 -6.14 -3.49
C GLY A 370 -12.53 -6.20 -2.36
N ASP A 371 -13.01 -6.13 -1.12
CA ASP A 371 -12.14 -6.32 0.04
C ASP A 371 -12.02 -7.81 0.32
N VAL A 372 -10.87 -8.22 0.83
CA VAL A 372 -10.65 -9.64 1.04
C VAL A 372 -11.27 -10.11 2.35
N LEU A 373 -11.27 -9.25 3.38
CA LEU A 373 -11.81 -9.67 4.67
C LEU A 373 -13.33 -9.59 4.70
N THR A 374 -13.91 -8.55 4.12
CA THR A 374 -15.35 -8.34 4.15
C THR A 374 -16.06 -8.75 2.85
N GLY A 375 -15.33 -9.30 1.89
CA GLY A 375 -15.91 -9.75 0.64
C GLY A 375 -15.49 -11.18 0.34
N HIS A 376 -15.51 -11.51 -0.96
CA HIS A 376 -15.14 -12.84 -1.44
C HIS A 376 -13.78 -12.85 -2.11
N ARG A 377 -13.06 -11.73 -2.08
CA ARG A 377 -11.75 -11.62 -2.73
C ARG A 377 -10.77 -12.66 -2.17
N CYS A 378 -9.83 -13.07 -3.02
CA CYS A 378 -8.86 -14.09 -2.66
C CYS A 378 -8.02 -13.66 -1.46
N PRO A 379 -7.88 -14.50 -0.44
CA PRO A 379 -6.96 -14.18 0.67
C PRO A 379 -5.54 -14.63 0.44
N GLY A 380 -5.27 -15.44 -0.59
CA GLY A 380 -3.96 -15.95 -0.87
C GLY A 380 -3.19 -15.19 -1.93
N GLU A 381 -3.64 -13.98 -2.30
CA GLU A 381 -2.86 -13.14 -3.21
C GLU A 381 -1.45 -12.90 -2.68
N LYS A 382 -1.31 -12.73 -1.37
CA LYS A 382 0.03 -12.63 -0.77
C LYS A 382 0.84 -13.89 -1.02
N ILE A 383 0.29 -15.05 -0.65
CA ILE A 383 0.99 -16.32 -0.83
C ILE A 383 1.26 -16.57 -2.31
N ALA A 384 0.32 -16.20 -3.18
CA ALA A 384 0.49 -16.42 -4.62
C ALA A 384 1.71 -15.68 -5.15
N VAL A 385 1.78 -14.37 -4.94
CA VAL A 385 2.92 -13.59 -5.43
C VAL A 385 4.19 -14.03 -4.72
N ALA A 386 4.09 -14.38 -3.44
CA ALA A 386 5.25 -14.91 -2.73
C ALA A 386 5.83 -16.12 -3.46
N ALA A 387 4.96 -17.02 -3.92
CA ALA A 387 5.43 -18.17 -4.68
C ALA A 387 5.85 -17.77 -6.09
N LEU A 388 5.01 -17.00 -6.78
CA LEU A 388 5.28 -16.66 -8.18
C LEU A 388 6.57 -15.85 -8.31
N SER A 389 6.76 -14.85 -7.47
CA SER A 389 7.94 -14.02 -7.56
C SER A 389 9.20 -14.80 -7.19
N SER A 390 9.10 -15.75 -6.26
CA SER A 390 10.25 -16.57 -5.92
C SER A 390 10.71 -17.39 -7.12
N THR A 391 9.76 -17.85 -7.94
CA THR A 391 10.12 -18.52 -9.18
C THR A 391 10.72 -17.55 -10.19
N VAL A 392 10.18 -16.33 -10.23
CA VAL A 392 10.72 -15.32 -11.15
C VAL A 392 12.17 -15.01 -10.82
N ALA A 393 12.50 -14.93 -9.53
CA ALA A 393 13.89 -14.72 -9.15
C ALA A 393 14.76 -15.94 -9.46
N ALA A 394 14.19 -17.14 -9.32
CA ALA A 394 14.96 -18.37 -9.53
C ALA A 394 15.35 -18.53 -11.00
N LEU A 395 14.44 -18.21 -11.92
CA LEU A 395 14.73 -18.36 -13.34
C LEU A 395 15.50 -17.19 -13.92
N SER A 396 15.70 -16.12 -13.15
CA SER A 396 16.45 -14.98 -13.66
C SER A 396 17.95 -15.24 -13.73
N ALA A 397 18.42 -16.39 -13.25
CA ALA A 397 19.86 -16.65 -13.22
C ALA A 397 20.36 -16.92 -14.64
N ASP A 398 21.67 -17.16 -14.75
CA ASP A 398 22.28 -17.35 -16.06
C ASP A 398 22.34 -18.82 -16.45
N ASN A 399 22.67 -19.71 -15.51
CA ASN A 399 22.62 -21.14 -15.77
C ASN A 399 21.24 -21.58 -16.25
N VAL A 400 20.19 -20.81 -15.96
CA VAL A 400 18.83 -21.17 -16.34
C VAL A 400 18.60 -20.76 -17.79
N THR A 401 18.18 -21.72 -18.62
CA THR A 401 17.83 -21.47 -20.01
C THR A 401 16.43 -22.01 -20.25
N ILE A 402 15.48 -21.11 -20.52
CA ILE A 402 14.10 -21.49 -20.79
C ILE A 402 13.96 -21.79 -22.28
N SER A 403 13.44 -22.98 -22.59
CA SER A 403 13.24 -23.36 -23.98
C SER A 403 12.21 -22.45 -24.65
N GLN A 404 12.41 -22.18 -25.94
CA GLN A 404 11.61 -21.20 -26.65
C GLN A 404 11.05 -21.78 -27.95
N GLU A 405 10.65 -23.06 -27.91
CA GLU A 405 9.91 -23.60 -29.05
C GLU A 405 8.49 -23.04 -29.06
N THR A 406 7.82 -23.19 -30.21
CA THR A 406 6.49 -22.62 -30.36
C THR A 406 5.52 -23.16 -29.31
N GLU A 407 5.67 -24.43 -28.93
CA GLU A 407 4.83 -24.98 -27.87
C GLU A 407 5.29 -24.57 -26.48
N ASP A 408 6.45 -23.92 -26.36
CA ASP A 408 6.93 -23.41 -25.09
C ASP A 408 6.51 -21.96 -24.86
N THR A 409 6.47 -21.14 -25.91
CA THR A 409 6.18 -19.72 -25.79
C THR A 409 4.72 -19.37 -26.05
N THR A 410 3.99 -20.23 -26.78
CA THR A 410 2.64 -19.94 -27.21
C THR A 410 1.63 -20.73 -26.39
N PHE A 411 0.48 -20.11 -26.13
CA PHE A 411 -0.64 -20.76 -25.47
C PHE A 411 -1.92 -20.39 -26.21
N SER A 412 -2.93 -21.25 -26.08
CA SER A 412 -4.21 -21.02 -26.74
C SER A 412 -5.10 -20.13 -25.90
N MET A 413 -5.69 -19.12 -26.52
CA MET A 413 -6.63 -18.26 -25.82
C MET A 413 -8.06 -18.78 -25.84
N THR A 414 -8.36 -19.77 -26.69
CA THR A 414 -9.67 -20.40 -26.71
C THR A 414 -9.77 -21.57 -25.72
N GLN A 415 -8.67 -21.91 -25.07
CA GLN A 415 -8.62 -23.01 -24.12
C GLN A 415 -8.76 -22.49 -22.70
N LEU A 416 -9.60 -23.15 -21.90
CA LEU A 416 -9.81 -22.73 -20.52
C LEU A 416 -8.72 -23.31 -19.62
N LEU A 417 -8.27 -22.50 -18.67
CA LEU A 417 -7.06 -22.78 -17.89
C LEU A 417 -5.92 -23.17 -18.84
N THR A 418 -5.57 -22.21 -19.68
CA THR A 418 -4.60 -22.44 -20.74
C THR A 418 -3.18 -22.27 -20.22
N ARG A 419 -2.23 -22.74 -21.01
CA ARG A 419 -0.80 -22.73 -20.71
C ARG A 419 -0.05 -23.24 -21.93
N PRO A 420 1.20 -22.87 -22.12
CA PRO A 420 2.01 -23.51 -23.16
C PRO A 420 1.97 -25.02 -23.00
N ARG A 421 1.79 -25.72 -24.13
CA ARG A 421 1.59 -27.16 -24.10
C ARG A 421 2.69 -27.87 -23.31
N THR A 422 3.95 -27.63 -23.67
CA THR A 422 5.06 -28.24 -22.97
C THR A 422 5.09 -27.90 -21.49
N GLY A 423 4.43 -26.82 -21.08
CA GLY A 423 4.57 -26.29 -19.75
C GLY A 423 5.75 -25.38 -19.57
N VAL A 424 6.30 -24.87 -20.66
CA VAL A 424 7.57 -24.13 -20.69
C VAL A 424 8.67 -25.03 -20.14
N ARG A 425 9.39 -25.69 -21.04
CA ARG A 425 10.51 -26.52 -20.63
C ARG A 425 11.69 -25.63 -20.24
N VAL A 426 12.54 -26.15 -19.37
CA VAL A 426 13.66 -25.38 -18.84
C VAL A 426 14.78 -26.34 -18.49
N THR A 427 16.01 -25.90 -18.73
CA THR A 427 17.20 -26.68 -18.41
C THR A 427 18.21 -25.75 -17.77
N VAL A 428 18.95 -26.28 -16.78
CA VAL A 428 19.92 -25.49 -16.03
C VAL A 428 21.22 -26.26 -15.97
N SER A 429 22.33 -25.52 -16.01
CA SER A 429 23.67 -26.12 -16.06
C SER A 429 24.38 -26.08 -14.71
N LEU B 10 26.83 10.42 34.17
CA LEU B 10 26.01 10.73 32.99
C LEU B 10 24.53 10.68 33.34
N ASN B 11 23.98 11.81 33.77
CA ASN B 11 22.58 11.88 34.17
C ASN B 11 21.67 11.82 32.95
N ASP B 12 20.37 11.83 33.21
CA ASP B 12 19.38 11.82 32.14
C ASP B 12 19.44 13.12 31.36
N GLN B 13 19.32 13.01 30.03
CA GLN B 13 19.46 14.15 29.13
C GLN B 13 18.12 14.78 28.76
N LEU B 14 17.04 14.41 29.45
CA LEU B 14 15.77 15.10 29.23
C LEU B 14 15.84 16.58 29.57
N PRO B 15 16.44 17.02 30.70
CA PRO B 15 16.59 18.46 30.90
C PRO B 15 17.38 19.14 29.79
N ASN B 16 18.40 18.46 29.25
CA ASN B 16 19.20 19.05 28.19
C ASN B 16 18.40 19.20 26.90
N PHE B 17 17.48 18.26 26.62
CA PHE B 17 16.69 18.36 25.41
C PHE B 17 15.78 19.58 25.44
N ILE B 18 15.12 19.82 26.58
CA ILE B 18 14.27 20.99 26.71
C ILE B 18 15.11 22.26 26.64
N LYS B 19 16.33 22.23 27.18
CA LYS B 19 17.18 23.41 27.19
C LYS B 19 17.74 23.70 25.81
N GLN B 20 18.23 22.69 25.11
CA GLN B 20 18.93 22.90 23.85
C GLN B 20 18.00 22.95 22.65
N GLY B 21 16.91 22.20 22.65
CA GLY B 21 16.01 22.20 21.52
C GLY B 21 16.63 21.58 20.29
N TYR B 22 16.69 22.33 19.18
CA TYR B 22 17.30 21.82 17.97
C TYR B 22 18.81 21.72 18.07
N LEU B 23 19.42 22.31 19.11
CA LEU B 23 20.83 22.15 19.38
C LEU B 23 21.14 20.88 20.16
N PHE B 24 20.12 20.10 20.52
CA PHE B 24 20.33 18.92 21.35
C PHE B 24 21.14 17.86 20.62
N MET B 25 20.90 17.70 19.31
CA MET B 25 21.61 16.68 18.54
C MET B 25 23.11 16.95 18.55
N SER B 26 23.52 18.17 18.19
CA SER B 26 24.93 18.53 18.24
C SER B 26 25.47 18.51 19.67
N HIS B 27 24.64 18.89 20.65
CA HIS B 27 25.09 18.93 22.03
C HIS B 27 25.50 17.55 22.54
N GLN B 28 24.63 16.56 22.33
CA GLN B 28 24.98 15.19 22.71
C GLN B 28 26.17 14.70 21.90
N ARG B 29 26.22 15.07 20.62
CA ARG B 29 27.40 14.78 19.80
C ARG B 29 28.64 15.44 20.38
N ARG B 30 28.53 16.71 20.76
CA ARG B 30 29.68 17.45 21.28
C ARG B 30 30.07 16.95 22.67
N LYS B 31 29.09 16.75 23.54
CA LYS B 31 29.36 16.31 24.91
C LYS B 31 29.82 14.85 25.00
N ALA B 32 29.86 14.13 23.89
CA ALA B 32 30.35 12.76 23.86
C ALA B 32 31.74 12.64 23.25
N GLY B 33 32.36 13.76 22.87
CA GLY B 33 33.66 13.74 22.24
C GLY B 33 33.66 13.43 20.76
N VAL B 34 32.50 13.28 20.14
CA VAL B 34 32.46 12.97 18.71
C VAL B 34 32.83 14.22 17.92
N PRO B 35 33.63 14.10 16.85
CA PRO B 35 33.98 15.29 16.06
C PRO B 35 32.75 15.97 15.47
N ALA B 36 32.95 17.22 15.09
CA ALA B 36 31.88 18.00 14.47
C ALA B 36 31.59 17.49 13.06
N ASP B 37 30.33 17.64 12.64
CA ASP B 37 29.87 17.22 11.32
C ASP B 37 29.97 15.71 11.12
N SER B 38 30.40 14.99 12.16
CA SER B 38 30.57 13.55 12.06
C SER B 38 29.23 12.85 12.21
N ASN B 39 29.19 11.60 11.76
CA ASN B 39 27.98 10.78 11.78
C ASN B 39 28.05 9.67 12.83
N CYS B 40 29.01 9.73 13.74
CA CYS B 40 29.21 8.65 14.69
C CYS B 40 28.03 8.58 15.67
N PRO B 41 27.49 7.39 15.94
CA PRO B 41 26.40 7.28 16.91
C PRO B 41 26.85 7.68 18.30
N VAL B 42 25.93 8.29 19.05
CA VAL B 42 26.19 8.75 20.41
C VAL B 42 25.14 8.12 21.33
N THR B 43 25.60 7.47 22.39
CA THR B 43 24.72 6.81 23.34
C THR B 43 24.65 7.63 24.62
N PHE B 44 23.43 7.86 25.11
CA PHE B 44 23.20 8.69 26.28
C PHE B 44 21.84 8.31 26.87
N PRO B 45 21.65 8.51 28.17
CA PRO B 45 20.33 8.25 28.76
C PRO B 45 19.40 9.45 28.61
N VAL B 46 18.15 9.15 28.25
CA VAL B 46 17.11 10.16 28.17
C VAL B 46 15.78 9.47 28.41
N LEU B 47 14.87 10.17 29.09
CA LEU B 47 13.59 9.60 29.51
C LEU B 47 13.79 8.33 30.34
N GLY B 48 14.83 8.32 31.16
CA GLY B 48 15.11 7.19 32.04
C GLY B 48 15.41 5.90 31.30
N GLY B 49 16.15 5.97 30.21
CA GLY B 49 16.48 4.78 29.45
C GLY B 49 17.59 5.04 28.47
N ARG B 50 18.20 3.95 28.01
CA ARG B 50 19.30 4.05 27.06
C ARG B 50 18.79 4.54 25.70
N ALA B 51 19.54 5.45 25.09
CA ALA B 51 19.17 6.00 23.80
C ALA B 51 20.43 6.27 22.99
N THR B 52 20.32 6.11 21.67
CA THR B 52 21.44 6.31 20.76
C THR B 52 21.00 7.20 19.60
N LEU B 53 21.62 8.37 19.49
CA LEU B 53 21.34 9.29 18.40
C LEU B 53 22.17 8.91 17.19
N ILE B 54 21.49 8.67 16.07
CA ILE B 54 22.14 8.22 14.84
C ILE B 54 21.91 9.27 13.75
N ARG B 55 22.82 9.29 12.78
CA ARG B 55 22.81 10.33 11.75
C ARG B 55 23.63 9.85 10.56
N GLY B 56 23.06 9.94 9.37
CA GLY B 56 23.73 9.55 8.15
C GLY B 56 22.89 8.60 7.31
N GLU B 57 23.39 8.34 6.10
CA GLU B 57 22.68 7.47 5.17
C GLU B 57 22.58 6.06 5.72
N GLU B 58 23.66 5.55 6.33
CA GLU B 58 23.60 4.25 6.99
C GLU B 58 22.58 4.26 8.12
N ALA B 59 22.37 5.41 8.75
CA ALA B 59 21.37 5.51 9.81
C ALA B 59 19.95 5.48 9.27
N VAL B 60 19.73 6.04 8.07
CA VAL B 60 18.38 6.04 7.49
C VAL B 60 17.97 4.62 7.10
N ASP B 61 18.87 3.87 6.46
CA ASP B 61 18.58 2.48 6.14
C ASP B 61 18.29 1.67 7.39
N PHE B 62 19.05 1.94 8.46
CA PHE B 62 18.82 1.27 9.73
C PHE B 62 17.46 1.64 10.30
N PHE B 63 17.19 2.94 10.42
CA PHE B 63 15.97 3.44 11.04
C PHE B 63 14.71 2.83 10.45
N TYR B 64 14.74 2.42 9.19
CA TYR B 64 13.55 1.92 8.51
C TYR B 64 13.58 0.42 8.27
N ASP B 65 14.57 -0.28 8.81
CA ASP B 65 14.60 -1.74 8.79
C ASP B 65 13.62 -2.26 9.83
N GLU B 66 12.39 -2.56 9.40
CA GLU B 66 11.36 -3.01 10.31
C GLU B 66 11.65 -4.36 10.94
N SER B 67 12.74 -5.03 10.53
CA SER B 67 13.16 -6.26 11.19
C SER B 67 13.84 -5.99 12.52
N LYS B 68 14.39 -4.80 12.73
CA LYS B 68 15.07 -4.44 13.95
C LYS B 68 14.51 -3.20 14.62
N ILE B 69 13.61 -2.48 13.98
CA ILE B 69 13.14 -1.18 14.46
C ILE B 69 11.62 -1.18 14.41
N SER B 70 10.98 -1.18 15.59
CA SER B 70 9.57 -0.90 15.73
C SER B 70 9.36 0.54 16.19
N ARG B 71 8.11 1.00 16.13
CA ARG B 71 7.80 2.39 16.44
C ARG B 71 6.79 2.59 17.55
N ASN B 72 5.93 1.62 17.83
CA ASN B 72 4.91 1.79 18.87
C ASN B 72 5.55 2.10 20.21
N GLY B 73 5.14 3.21 20.81
CA GLY B 73 5.66 3.63 22.10
C GLY B 73 6.93 4.45 22.04
N ALA B 74 7.49 4.68 20.85
CA ALA B 74 8.74 5.43 20.76
C ALA B 74 8.52 6.91 21.00
N MET B 75 7.46 7.48 20.42
CA MET B 75 7.12 8.88 20.67
C MET B 75 6.40 8.99 22.01
N PRO B 76 6.93 9.77 22.96
CA PRO B 76 6.25 9.91 24.25
C PRO B 76 4.83 10.42 24.09
N THR B 77 3.94 9.92 24.96
CA THR B 77 2.52 10.26 24.88
C THR B 77 2.29 11.75 25.04
N ALA B 78 3.19 12.46 25.73
CA ALA B 78 3.06 13.90 25.86
C ALA B 78 3.12 14.61 24.52
N ILE B 79 3.69 13.98 23.49
CA ILE B 79 3.76 14.52 22.15
C ILE B 79 2.79 13.82 21.22
N GLN B 80 2.87 12.49 21.14
CA GLN B 80 1.98 11.73 20.25
C GLN B 80 0.52 11.93 20.63
N GLY B 81 0.24 12.01 21.93
CA GLY B 81 -1.10 12.20 22.42
C GLY B 81 -1.83 13.37 21.80
N PRO B 82 -1.34 14.61 22.04
CA PRO B 82 -2.03 15.79 21.51
C PRO B 82 -1.82 16.02 20.02
N LEU B 83 -0.64 15.67 19.50
CA LEU B 83 -0.33 15.99 18.11
C LEU B 83 -0.98 15.01 17.14
N PHE B 84 -0.62 13.73 17.23
CA PHE B 84 -1.09 12.74 16.26
C PHE B 84 -2.42 12.11 16.64
N GLY B 85 -2.80 12.14 17.92
CA GLY B 85 -4.00 11.49 18.37
C GLY B 85 -3.77 10.05 18.78
N ASP B 86 -4.73 9.52 19.53
CA ASP B 86 -4.63 8.17 20.06
C ASP B 86 -4.94 7.13 18.99
N GLY B 87 -4.17 6.05 18.97
CA GLY B 87 -4.38 4.99 18.02
C GLY B 87 -4.13 5.37 16.57
N ALA B 88 -3.35 6.42 16.33
CA ALA B 88 -3.09 6.88 14.99
C ALA B 88 -2.13 5.95 14.27
N VAL B 89 -2.00 6.16 12.95
CA VAL B 89 -1.10 5.36 12.13
C VAL B 89 0.35 5.48 12.59
N HIS B 90 0.69 6.58 13.30
CA HIS B 90 2.06 6.77 13.74
C HIS B 90 2.49 5.74 14.78
N THR B 91 1.57 5.26 15.61
CA THR B 91 1.90 4.33 16.68
C THR B 91 1.68 2.87 16.30
N LEU B 92 1.53 2.58 15.02
CA LEU B 92 1.20 1.23 14.55
C LEU B 92 2.39 0.58 13.86
N ASP B 93 2.59 -0.70 14.12
CA ASP B 93 3.59 -1.53 13.45
C ASP B 93 2.90 -2.70 12.75
N GLY B 94 3.70 -3.48 12.02
CA GLY B 94 3.22 -4.71 11.42
C GLY B 94 2.09 -4.49 10.43
N GLN B 95 1.18 -5.46 10.40
CA GLN B 95 0.08 -5.44 9.43
C GLN B 95 -0.84 -4.25 9.65
N ALA B 96 -1.22 -3.99 10.91
CA ALA B 96 -2.17 -2.93 11.21
C ALA B 96 -1.70 -1.58 10.65
N HIS B 97 -0.39 -1.35 10.64
CA HIS B 97 0.14 -0.12 10.05
C HIS B 97 0.03 -0.17 8.52
N LYS B 98 0.52 -1.26 7.91
CA LYS B 98 0.50 -1.36 6.46
C LYS B 98 -0.89 -1.17 5.88
N VAL B 99 -1.91 -1.74 6.53
CA VAL B 99 -3.28 -1.53 6.06
C VAL B 99 -3.72 -0.10 6.30
N ARG B 100 -3.22 0.55 7.37
CA ARG B 100 -3.63 1.92 7.66
C ARG B 100 -2.91 2.91 6.77
N LYS B 101 -1.61 2.73 6.57
CA LYS B 101 -0.87 3.59 5.65
C LYS B 101 -1.42 3.47 4.24
N SER B 102 -1.65 2.23 3.79
CA SER B 102 -2.22 1.99 2.46
C SER B 102 -3.46 2.85 2.21
N ALA B 103 -4.39 2.85 3.16
CA ALA B 103 -5.63 3.61 2.99
C ALA B 103 -5.39 5.12 3.07
N MET B 104 -4.30 5.53 3.71
CA MET B 104 -3.98 6.93 3.90
C MET B 104 -3.03 7.48 2.84
N ALA B 105 -2.01 6.72 2.47
CA ALA B 105 -1.17 7.11 1.34
C ALA B 105 -1.96 7.11 0.05
N ALA B 106 -3.10 6.42 0.01
CA ALA B 106 -3.97 6.46 -1.15
C ALA B 106 -4.61 7.82 -1.36
N MET B 107 -4.55 8.71 -0.37
CA MET B 107 -5.13 10.04 -0.48
C MET B 107 -4.11 11.16 -0.53
N ALA B 108 -3.03 11.07 0.23
CA ALA B 108 -2.03 12.13 0.26
C ALA B 108 -0.89 11.89 -0.73
N TYR B 109 -0.62 10.64 -1.09
CA TYR B 109 0.47 10.30 -1.98
C TYR B 109 0.03 10.05 -3.42
N ASP B 110 -1.27 10.05 -3.69
CA ASP B 110 -1.77 9.86 -5.05
C ASP B 110 -1.57 11.13 -5.85
N ASP B 111 -0.85 11.02 -6.97
CA ASP B 111 -0.51 12.21 -7.76
C ASP B 111 -1.75 12.95 -8.25
N GLU B 112 -2.83 12.22 -8.53
CA GLU B 112 -4.05 12.87 -8.99
C GLU B 112 -4.66 13.74 -7.90
N ARG B 113 -4.77 13.20 -6.68
CA ARG B 113 -5.36 13.97 -5.59
C ARG B 113 -4.47 15.14 -5.17
N VAL B 114 -3.16 15.01 -5.31
CA VAL B 114 -2.27 16.13 -5.01
C VAL B 114 -2.50 17.26 -5.98
N GLU B 115 -2.62 16.95 -7.28
CA GLU B 115 -2.90 17.99 -8.27
C GLU B 115 -4.23 18.67 -8.00
N ALA B 116 -5.22 17.93 -7.49
CA ALA B 116 -6.48 18.55 -7.09
C ALA B 116 -6.26 19.51 -5.92
N PHE B 117 -5.43 19.11 -4.95
CA PHE B 117 -5.09 20.01 -3.85
C PHE B 117 -4.35 21.24 -4.34
N ARG B 118 -3.56 21.11 -5.40
CA ARG B 118 -2.81 22.25 -5.92
C ARG B 118 -3.74 23.37 -6.34
N GLY B 119 -4.91 23.03 -6.89
CA GLY B 119 -5.87 24.06 -7.25
C GLY B 119 -6.53 24.68 -6.04
N PHE B 120 -6.79 23.89 -5.01
CA PHE B 120 -7.42 24.42 -3.80
C PHE B 120 -6.49 25.37 -3.06
N VAL B 121 -5.22 24.97 -2.90
CA VAL B 121 -4.27 25.81 -2.17
C VAL B 121 -3.92 27.06 -2.95
N GLU B 122 -3.96 27.00 -4.28
CA GLU B 122 -3.68 28.19 -5.09
C GLU B 122 -4.75 29.26 -4.88
N GLU B 123 -6.01 28.89 -5.05
CA GLU B 123 -7.10 29.86 -4.92
C GLU B 123 -7.13 30.49 -3.54
N GLU B 124 -6.93 29.69 -2.51
CA GLU B 124 -6.98 30.20 -1.15
C GLU B 124 -5.85 31.21 -0.90
N MET B 125 -4.66 30.91 -1.44
CA MET B 125 -3.54 31.84 -1.28
C MET B 125 -3.76 33.12 -2.07
N LYS B 126 -4.15 32.99 -3.35
CA LYS B 126 -4.41 34.16 -4.18
C LYS B 126 -5.38 35.12 -3.54
N ALA B 127 -6.32 34.61 -2.75
CA ALA B 127 -7.23 35.49 -2.02
C ALA B 127 -6.48 36.23 -0.94
N LEU B 128 -5.67 35.51 -0.14
CA LEU B 128 -4.96 36.12 0.96
C LEU B 128 -4.10 37.30 0.52
N ILE B 129 -3.29 37.11 -0.53
CA ILE B 129 -2.38 38.14 -1.02
C ILE B 129 -3.10 39.46 -1.30
N GLU B 130 -4.40 39.40 -1.59
CA GLU B 130 -5.27 40.53 -1.81
C GLU B 130 -6.00 40.91 -0.55
N ARG B 131 -6.34 39.87 0.20
CA ARG B 131 -7.09 39.91 1.43
C ARG B 131 -6.29 40.65 2.49
N TRP B 132 -5.00 40.38 2.53
CA TRP B 132 -4.05 41.05 3.42
C TRP B 132 -3.99 42.56 3.21
N LYS B 133 -4.14 43.01 1.95
CA LYS B 133 -4.04 44.43 1.61
C LYS B 133 -4.93 45.29 2.50
N THR B 134 -6.09 44.76 2.89
CA THR B 134 -6.99 45.47 3.77
C THR B 134 -6.69 45.20 5.25
N ASN B 135 -6.56 43.93 5.64
CA ASN B 135 -6.21 43.56 7.00
C ASN B 135 -4.93 42.72 6.95
N PRO B 136 -3.77 43.34 7.05
CA PRO B 136 -2.51 42.59 6.98
C PRO B 136 -2.24 41.88 8.29
N GLY B 137 -1.42 40.85 8.21
CA GLY B 137 -1.05 40.10 9.38
C GLY B 137 0.32 39.48 9.27
N ASN B 138 0.41 38.20 9.59
CA ASN B 138 1.66 37.45 9.54
C ASN B 138 1.45 36.18 8.72
N ILE B 139 2.57 35.62 8.25
CA ILE B 139 2.48 34.43 7.41
C ILE B 139 2.00 33.23 8.23
N TYR B 140 2.60 33.00 9.40
CA TYR B 140 2.32 31.77 10.14
C TYR B 140 0.83 31.60 10.41
N ASP B 141 0.18 32.63 10.97
CA ASP B 141 -1.21 32.49 11.36
C ASP B 141 -2.15 32.51 10.15
N ASP B 142 -1.97 33.49 9.25
CA ASP B 142 -2.91 33.65 8.15
C ASP B 142 -2.74 32.54 7.12
N VAL B 143 -1.51 32.13 6.83
CA VAL B 143 -1.28 31.05 5.88
C VAL B 143 -1.73 29.71 6.46
N ALA B 144 -1.69 29.57 7.79
CA ALA B 144 -2.21 28.36 8.42
C ALA B 144 -3.70 28.20 8.15
N VAL B 145 -4.47 29.29 8.24
CA VAL B 145 -5.89 29.25 7.90
C VAL B 145 -6.05 28.93 6.42
N ALA B 146 -5.28 29.60 5.56
CA ALA B 146 -5.35 29.34 4.13
C ALA B 146 -5.02 27.88 3.82
N TYR B 147 -3.97 27.35 4.45
CA TYR B 147 -3.64 25.93 4.28
C TYR B 147 -4.75 25.04 4.79
N GLY B 148 -5.34 25.40 5.95
CA GLY B 148 -6.44 24.61 6.48
C GLY B 148 -7.66 24.65 5.59
N ARG B 149 -8.00 25.84 5.08
CA ARG B 149 -9.12 25.95 4.15
C ARG B 149 -8.91 25.07 2.93
N ALA B 150 -7.69 25.02 2.41
CA ALA B 150 -7.40 24.19 1.24
C ALA B 150 -7.52 22.71 1.59
N ALA B 151 -6.88 22.29 2.69
CA ALA B 151 -6.89 20.88 3.06
C ALA B 151 -8.30 20.41 3.40
N PHE B 152 -9.10 21.27 4.02
CA PHE B 152 -10.47 20.90 4.37
C PHE B 152 -11.33 20.80 3.12
N ARG B 153 -11.25 21.80 2.24
CA ARG B 153 -11.99 21.74 0.98
C ARG B 153 -11.49 20.61 0.10
N TRP B 154 -10.18 20.34 0.14
CA TRP B 154 -9.63 19.21 -0.61
C TRP B 154 -10.17 17.90 -0.06
N ALA B 155 -10.37 17.82 1.25
CA ALA B 155 -10.89 16.61 1.87
C ALA B 155 -12.40 16.46 1.70
N GLY B 156 -13.10 17.53 1.32
CA GLY B 156 -14.54 17.48 1.27
C GLY B 156 -15.20 17.66 2.61
N VAL B 157 -14.57 18.41 3.52
CA VAL B 157 -15.13 18.66 4.84
C VAL B 157 -16.33 19.58 4.69
N PRO B 158 -17.52 19.13 5.07
CA PRO B 158 -18.74 19.94 4.92
C PRO B 158 -19.02 20.82 6.14
N ALA B 159 -18.27 21.92 6.23
CA ALA B 159 -18.40 22.86 7.33
C ALA B 159 -18.39 24.28 6.77
N SER B 160 -18.82 25.23 7.60
CA SER B 160 -18.82 26.62 7.18
C SER B 160 -17.39 27.15 7.08
N ASP B 161 -17.27 28.36 6.54
CA ASP B 161 -15.94 28.95 6.40
C ASP B 161 -15.32 29.23 7.76
N ARG B 162 -16.12 29.77 8.68
CA ARG B 162 -15.61 30.08 10.02
C ARG B 162 -15.21 28.80 10.74
N GLU B 163 -16.06 27.77 10.65
CA GLU B 163 -15.73 26.49 11.28
C GLU B 163 -14.42 25.97 10.71
N LEU B 164 -14.22 26.15 9.40
CA LEU B 164 -12.99 25.73 8.76
C LEU B 164 -11.81 26.49 9.34
N ASN B 165 -11.95 27.82 9.48
CA ASN B 165 -10.86 28.64 10.01
C ASN B 165 -10.62 28.32 11.48
N LYS B 166 -11.69 28.02 12.23
CA LYS B 166 -11.56 27.68 13.63
C LYS B 166 -10.65 26.46 13.75
N ARG B 167 -11.10 25.35 13.17
CA ARG B 167 -10.30 24.13 13.20
C ARG B 167 -8.91 24.36 12.67
N ALA B 168 -8.76 25.25 11.68
CA ALA B 168 -7.44 25.56 11.14
C ALA B 168 -6.55 26.19 12.22
N THR B 169 -7.06 27.22 12.90
CA THR B 169 -6.27 27.85 13.96
C THR B 169 -6.12 26.93 15.15
N GLN B 170 -7.11 26.06 15.40
CA GLN B 170 -6.99 25.11 16.50
C GLN B 170 -5.89 24.09 16.22
N MET B 171 -5.67 23.76 14.95
CA MET B 171 -4.57 22.87 14.60
C MET B 171 -3.23 23.60 14.63
N SER B 172 -3.21 24.85 14.16
CA SER B 172 -2.00 25.65 14.24
C SER B 172 -1.64 25.96 15.68
N HIS B 173 -2.64 26.24 16.52
CA HIS B 173 -2.39 26.46 17.94
C HIS B 173 -1.80 25.20 18.59
N LEU B 174 -2.28 24.02 18.17
CA LEU B 174 -1.77 22.78 18.71
C LEU B 174 -0.27 22.65 18.45
N LEU B 175 0.14 22.88 17.20
CA LEU B 175 1.55 22.73 16.83
C LEU B 175 2.42 23.74 17.56
N ASP B 176 1.88 24.91 17.90
CA ASP B 176 2.65 25.91 18.62
C ASP B 176 2.81 25.57 20.09
N THR B 177 1.89 24.81 20.66
CA THR B 177 1.83 24.56 22.10
C THR B 177 2.45 23.24 22.55
N PHE B 178 2.25 22.16 21.79
CA PHE B 178 2.75 20.85 22.22
C PHE B 178 4.26 20.84 22.43
N GLY B 179 5.00 21.68 21.72
CA GLY B 179 6.45 21.64 21.83
C GLY B 179 7.03 22.43 22.98
N GLU B 180 6.22 23.27 23.62
CA GLU B 180 6.65 24.07 24.77
C GLU B 180 6.08 23.48 26.05
N VAL B 181 6.98 23.20 27.01
CA VAL B 181 6.58 22.53 28.25
C VAL B 181 5.54 23.36 29.02
N LYS B 182 5.58 24.68 28.88
CA LYS B 182 4.64 25.57 29.57
C LYS B 182 3.33 25.74 28.82
N GLN B 183 3.11 24.95 27.78
CA GLN B 183 1.88 25.05 26.99
C GLN B 183 1.34 23.71 26.52
N ASN B 184 2.05 22.60 26.74
CA ASN B 184 1.58 21.30 26.30
C ASN B 184 0.19 20.97 26.85
N VAL B 185 -0.15 21.53 28.02
CA VAL B 185 -1.49 21.32 28.56
C VAL B 185 -2.55 21.89 27.61
N LEU B 186 -2.23 22.98 26.92
CA LEU B 186 -3.19 23.55 25.97
C LEU B 186 -3.37 22.66 24.75
N SER B 187 -2.29 22.07 24.26
CA SER B 187 -2.38 21.21 23.08
C SER B 187 -3.24 19.98 23.36
N TRP B 188 -3.32 19.54 24.61
CA TRP B 188 -4.25 18.48 24.97
C TRP B 188 -5.70 18.95 24.85
N MET B 189 -5.96 20.21 25.23
CA MET B 189 -7.30 20.76 25.07
C MET B 189 -7.63 20.96 23.60
N ASP B 190 -6.65 21.35 22.79
CA ASP B 190 -6.89 21.52 21.36
C ASP B 190 -7.31 20.19 20.72
N ARG B 191 -6.54 19.13 20.99
CA ARG B 191 -6.89 17.82 20.46
C ARG B 191 -8.26 17.35 20.96
N ARG B 192 -8.52 17.53 22.25
CA ARG B 192 -9.81 17.13 22.82
C ARG B 192 -10.96 17.79 22.08
N LYS B 193 -10.82 19.08 21.76
CA LYS B 193 -11.83 19.75 20.95
C LYS B 193 -11.84 19.22 19.52
N LEU B 194 -10.66 19.12 18.91
CA LEU B 194 -10.57 18.68 17.52
C LEU B 194 -11.05 17.24 17.36
N ASP B 195 -10.66 16.36 18.28
CA ASP B 195 -11.14 14.97 18.25
C ASP B 195 -12.66 14.92 18.28
N ALA B 196 -13.29 15.80 19.08
CA ALA B 196 -14.74 15.78 19.19
C ALA B 196 -15.41 16.29 17.91
N TRP B 197 -14.86 17.35 17.33
CA TRP B 197 -15.40 17.88 16.08
C TRP B 197 -15.23 16.88 14.94
N ALA B 198 -14.09 16.18 14.91
CA ALA B 198 -13.85 15.20 13.87
C ALA B 198 -14.78 13.99 14.03
N GLU B 199 -14.93 13.50 15.27
CA GLU B 199 -15.79 12.35 15.50
C GLU B 199 -17.24 12.64 15.12
N ASP B 200 -17.75 13.80 15.55
CA ASP B 200 -19.12 14.19 15.20
C ASP B 200 -19.30 14.26 13.69
N LEU B 201 -18.30 14.76 12.98
CA LEU B 201 -18.38 14.82 11.52
C LEU B 201 -18.47 13.42 10.92
N ILE B 202 -17.57 12.52 11.34
CA ILE B 202 -17.59 11.17 10.80
C ILE B 202 -18.85 10.44 11.22
N LYS B 203 -19.35 10.70 12.43
CA LYS B 203 -20.57 10.05 12.89
C LYS B 203 -21.77 10.48 12.05
N LYS B 204 -21.82 11.75 11.64
CA LYS B 204 -22.90 12.24 10.82
C LYS B 204 -22.77 11.84 9.36
N VAL B 205 -21.55 11.56 8.88
CA VAL B 205 -21.40 11.03 7.53
C VAL B 205 -21.88 9.58 7.46
N ARG B 206 -21.56 8.79 8.48
CA ARG B 206 -22.00 7.40 8.51
C ARG B 206 -23.52 7.30 8.69
N SER B 207 -24.13 8.28 9.35
CA SER B 207 -25.56 8.27 9.58
C SER B 207 -26.36 8.87 8.43
N GLY B 208 -25.69 9.43 7.43
CA GLY B 208 -26.37 10.10 6.34
C GLY B 208 -26.84 11.51 6.65
N GLU B 209 -26.74 11.95 7.90
CA GLU B 209 -27.05 13.33 8.23
C GLU B 209 -26.16 14.30 7.47
N LEU B 210 -24.92 13.89 7.21
CA LEU B 210 -23.94 14.69 6.48
C LEU B 210 -23.52 13.90 5.24
N THR B 211 -23.98 14.32 4.07
CA THR B 211 -23.65 13.64 2.82
C THR B 211 -22.45 14.32 2.17
N VAL B 212 -21.45 13.54 1.80
CA VAL B 212 -20.22 14.04 1.20
C VAL B 212 -19.97 13.29 -0.11
N ASP B 213 -19.01 13.80 -0.87
CA ASP B 213 -18.65 13.18 -2.14
C ASP B 213 -18.21 11.73 -1.92
N PRO B 214 -18.67 10.80 -2.75
CA PRO B 214 -18.31 9.38 -2.53
C PRO B 214 -16.83 9.11 -2.60
N ASP B 215 -16.07 9.91 -3.34
CA ASP B 215 -14.63 9.72 -3.48
C ASP B 215 -13.83 10.72 -2.64
N SER B 216 -14.48 11.41 -1.70
CA SER B 216 -13.84 12.42 -0.89
C SER B 216 -13.00 11.80 0.22
N VAL B 217 -12.09 12.60 0.76
CA VAL B 217 -11.27 12.14 1.88
C VAL B 217 -12.13 11.88 3.12
N VAL B 218 -13.18 12.66 3.32
CA VAL B 218 -14.08 12.41 4.44
C VAL B 218 -14.74 11.04 4.32
N ARG B 219 -15.11 10.66 3.09
CA ARG B 219 -15.77 9.37 2.88
C ARG B 219 -14.80 8.21 3.11
N HIS B 220 -13.60 8.30 2.54
CA HIS B 220 -12.62 7.23 2.73
C HIS B 220 -12.19 7.10 4.19
N MET B 221 -12.34 8.16 4.98
CA MET B 221 -12.08 8.05 6.41
C MET B 221 -13.27 7.40 7.13
N ALA B 222 -14.48 7.77 6.74
CA ALA B 222 -15.68 7.19 7.37
C ALA B 222 -15.79 5.70 7.07
N ASP B 223 -15.29 5.24 5.92
CA ASP B 223 -15.31 3.83 5.57
C ASP B 223 -13.97 3.15 5.83
N LEU B 224 -13.21 3.65 6.79
CA LEU B 224 -11.92 3.06 7.13
C LEU B 224 -12.11 1.80 7.95
N ARG B 225 -11.28 0.79 7.68
CA ARG B 225 -11.31 -0.48 8.39
C ARG B 225 -9.92 -0.81 8.90
N ASP B 226 -9.84 -1.79 9.80
CA ASP B 226 -8.58 -2.09 10.45
C ASP B 226 -7.93 -3.31 9.81
N GLU B 227 -7.03 -3.97 10.53
CA GLU B 227 -6.33 -5.12 9.99
C GLU B 227 -7.16 -6.38 10.04
N LYS B 228 -8.12 -6.44 10.95
CA LYS B 228 -9.04 -7.58 11.08
C LYS B 228 -10.34 -7.35 10.31
N GLY B 229 -10.42 -6.31 9.50
CA GLY B 229 -11.59 -6.08 8.67
C GLY B 229 -12.77 -5.40 9.35
N GLU B 230 -12.59 -4.82 10.53
CA GLU B 230 -13.65 -4.07 11.19
C GLU B 230 -13.42 -2.59 10.99
N LEU B 231 -14.51 -1.84 10.82
CA LEU B 231 -14.39 -0.41 10.60
C LEU B 231 -14.02 0.30 11.89
N VAL B 232 -13.13 1.30 11.78
CA VAL B 232 -12.61 1.96 12.97
C VAL B 232 -13.71 2.81 13.61
N THR B 233 -13.47 3.16 14.87
CA THR B 233 -14.38 4.05 15.59
C THR B 233 -14.38 5.42 14.92
N ALA B 234 -15.54 6.09 15.00
CA ALA B 234 -15.66 7.41 14.38
C ALA B 234 -14.60 8.37 14.92
N LYS B 235 -14.19 8.19 16.17
CA LYS B 235 -13.07 8.96 16.71
C LYS B 235 -11.80 8.71 15.91
N LEU B 236 -11.41 7.44 15.78
CA LEU B 236 -10.19 7.12 15.04
C LEU B 236 -10.31 7.53 13.58
N ALA B 237 -11.47 7.31 12.97
CA ALA B 237 -11.71 7.83 11.63
C ALA B 237 -11.60 9.35 11.58
N GLY B 238 -11.91 10.01 12.70
CA GLY B 238 -11.77 11.44 12.80
C GLY B 238 -10.37 11.88 13.20
N ILE B 239 -9.72 11.09 14.07
CA ILE B 239 -8.32 11.35 14.41
C ILE B 239 -7.47 11.29 13.15
N GLU B 240 -7.70 10.28 12.31
CA GLU B 240 -6.89 10.08 11.13
C GLU B 240 -7.25 11.06 10.01
N LEU B 241 -8.48 11.59 10.00
CA LEU B 241 -8.80 12.68 9.10
C LEU B 241 -8.00 13.93 9.46
N GLN B 242 -7.80 14.17 10.76
CA GLN B 242 -6.94 15.28 11.18
C GLN B 242 -5.51 15.06 10.69
N ASN B 243 -5.03 13.81 10.73
CA ASN B 243 -3.68 13.46 10.30
C ASN B 243 -3.51 13.52 8.79
N LEU B 244 -4.51 14.12 8.13
CA LEU B 244 -4.50 14.37 6.70
C LEU B 244 -4.89 15.81 6.39
N THR B 245 -5.06 16.64 7.42
CA THR B 245 -5.38 18.05 7.24
C THR B 245 -4.51 18.92 8.14
N ARG B 246 -4.39 18.56 9.42
CA ARG B 246 -3.52 19.32 10.32
C ARG B 246 -2.07 19.34 9.86
N PRO B 247 -1.45 18.23 9.43
CA PRO B 247 -0.06 18.32 8.98
C PRO B 247 0.12 19.23 7.78
N THR B 248 -0.97 19.60 7.10
CA THR B 248 -0.91 20.60 6.04
C THR B 248 -0.90 22.00 6.65
N VAL B 249 -1.76 22.25 7.64
CA VAL B 249 -1.72 23.50 8.39
C VAL B 249 -0.34 23.73 8.99
N ALA B 250 0.39 22.64 9.28
CA ALA B 250 1.73 22.77 9.83
C ALA B 250 2.69 23.43 8.85
N VAL B 251 2.44 23.28 7.55
CA VAL B 251 3.35 23.81 6.53
C VAL B 251 3.47 25.33 6.60
N SER B 252 2.53 26.01 7.25
CA SER B 252 2.64 27.45 7.43
C SER B 252 3.89 27.85 8.19
N ARG B 253 4.43 26.95 9.02
CA ARG B 253 5.73 27.22 9.65
C ARG B 253 6.84 27.20 8.61
N PHE B 254 6.79 26.25 7.69
CA PHE B 254 7.74 26.25 6.57
C PHE B 254 7.56 27.49 5.71
N ALA B 255 6.30 27.93 5.54
CA ALA B 255 6.05 29.16 4.80
C ALA B 255 6.70 30.35 5.49
N ALA B 256 6.68 30.38 6.82
CA ALA B 256 7.39 31.41 7.56
C ALA B 256 8.88 31.34 7.29
N PHE B 257 9.47 30.16 7.45
CA PHE B 257 10.89 29.98 7.15
C PHE B 257 11.20 30.36 5.70
N ALA B 258 10.33 29.97 4.77
CA ALA B 258 10.55 30.32 3.37
C ALA B 258 10.48 31.82 3.15
N ALA B 259 9.64 32.50 3.92
CA ALA B 259 9.51 33.96 3.78
C ALA B 259 10.79 34.66 4.23
N VAL B 260 11.41 34.18 5.31
CA VAL B 260 12.67 34.77 5.77
C VAL B 260 13.76 34.55 4.73
N ALA B 261 13.86 33.34 4.18
CA ALA B 261 14.89 33.04 3.21
C ALA B 261 14.75 33.88 1.96
N MET B 262 13.54 34.34 1.65
CA MET B 262 13.33 35.15 0.44
C MET B 262 13.91 36.54 0.62
N VAL B 263 13.60 37.20 1.75
CA VAL B 263 14.20 38.51 2.02
C VAL B 263 15.71 38.40 2.22
N GLU B 264 16.21 37.21 2.50
CA GLU B 264 17.65 36.97 2.63
C GLU B 264 18.31 36.61 1.31
N ASN B 265 17.56 36.07 0.35
CA ASN B 265 18.07 35.70 -0.96
C ASN B 265 17.22 36.37 -2.02
N PRO B 266 17.45 37.67 -2.27
CA PRO B 266 16.62 38.38 -3.24
C PRO B 266 16.79 37.90 -4.67
N GLU B 267 17.90 37.23 -4.97
CA GLU B 267 18.12 36.73 -6.33
C GLU B 267 17.19 35.58 -6.64
N TRP B 268 17.19 34.53 -5.80
CA TRP B 268 16.31 33.40 -6.03
C TRP B 268 14.85 33.80 -5.88
N ALA B 269 14.57 34.79 -5.04
CA ALA B 269 13.21 35.29 -4.91
C ALA B 269 12.72 35.87 -6.23
N ALA B 270 13.59 36.59 -6.94
CA ALA B 270 13.21 37.18 -8.22
C ALA B 270 13.07 36.12 -9.31
N LYS B 271 13.90 35.07 -9.28
CA LYS B 271 13.73 33.99 -10.25
C LYS B 271 12.33 33.39 -10.17
N VAL B 272 11.84 33.14 -8.95
CA VAL B 272 10.51 32.60 -8.76
C VAL B 272 9.49 33.53 -9.38
N LYS B 273 9.70 34.80 -9.12
CA LYS B 273 8.87 35.90 -9.55
C LYS B 273 8.79 35.90 -11.07
N ASN B 274 9.96 35.88 -11.71
CA ASN B 274 10.10 35.71 -13.16
C ASN B 274 9.29 34.51 -13.62
N ALA B 275 9.46 33.40 -12.92
CA ALA B 275 8.72 32.18 -13.23
C ALA B 275 7.21 32.42 -13.13
N VAL B 276 6.73 32.92 -11.99
CA VAL B 276 5.28 33.12 -11.85
C VAL B 276 4.82 34.19 -12.83
N GLU B 277 5.64 35.24 -13.01
CA GLU B 277 5.32 36.27 -14.00
C GLU B 277 5.16 35.68 -15.40
N ASP B 278 6.08 34.79 -15.77
CA ASP B 278 6.05 34.08 -17.05
C ASP B 278 4.91 33.05 -17.10
N ALA B 279 4.15 32.94 -16.02
CA ALA B 279 3.02 32.02 -15.98
C ALA B 279 1.71 32.69 -15.57
N ASP B 280 1.70 34.02 -15.43
CA ASP B 280 0.50 34.79 -15.06
C ASP B 280 -0.20 34.24 -13.83
N GLY B 281 0.41 34.36 -12.66
CA GLY B 281 -0.26 33.98 -11.46
C GLY B 281 -0.12 32.53 -11.08
N ARG B 282 0.27 31.66 -12.01
CA ARG B 282 0.41 30.24 -11.68
C ARG B 282 1.23 30.20 -10.39
N LEU B 283 0.70 29.66 -9.29
CA LEU B 283 1.53 29.55 -8.09
C LEU B 283 1.97 28.11 -7.85
N VAL B 284 1.42 27.17 -8.60
CA VAL B 284 1.67 25.75 -8.41
C VAL B 284 2.47 25.24 -9.61
N ASN B 285 3.12 24.08 -9.41
CA ASN B 285 3.88 23.41 -10.46
C ASN B 285 4.91 24.34 -11.12
N ILE B 286 5.42 25.30 -10.34
CA ILE B 286 6.51 26.17 -10.80
C ILE B 286 7.82 25.56 -10.32
N PRO B 287 8.61 24.93 -11.20
CA PRO B 287 9.84 24.26 -10.75
C PRO B 287 10.71 25.13 -9.86
N GLU B 288 10.77 26.44 -10.13
CA GLU B 288 11.59 27.33 -9.32
C GLU B 288 11.07 27.42 -7.89
N ALA B 289 9.77 27.67 -7.72
CA ALA B 289 9.20 27.76 -6.38
C ALA B 289 9.25 26.42 -5.65
N VAL B 290 9.14 25.31 -6.39
CA VAL B 290 9.29 23.99 -5.78
C VAL B 290 10.69 23.82 -5.22
N ALA B 291 11.70 24.24 -5.99
CA ALA B 291 13.08 24.16 -5.50
C ALA B 291 13.27 25.02 -4.26
N PHE B 292 12.72 26.24 -4.27
CA PHE B 292 12.75 27.07 -3.07
C PHE B 292 12.03 26.40 -1.91
N ALA B 293 10.90 25.75 -2.19
CA ALA B 293 10.15 25.06 -1.14
C ALA B 293 10.93 23.86 -0.62
N GLN B 294 11.59 23.13 -1.51
CA GLN B 294 12.39 21.98 -1.09
C GLN B 294 13.58 22.42 -0.25
N GLU B 295 14.24 23.51 -0.66
CA GLU B 295 15.38 24.02 0.08
C GLU B 295 15.00 24.50 1.47
N THR B 296 13.80 25.09 1.60
CA THR B 296 13.33 25.50 2.92
C THR B 296 13.12 24.29 3.83
N ARG B 297 12.52 23.22 3.28
CA ARG B 297 12.31 22.02 4.09
C ARG B 297 13.61 21.40 4.56
N ARG B 298 14.69 21.56 3.79
CA ARG B 298 15.95 20.94 4.13
C ARG B 298 16.72 21.73 5.17
N LYS B 299 16.79 23.05 5.00
CA LYS B 299 17.69 23.87 5.82
C LYS B 299 17.06 24.24 7.16
N TYR B 300 15.76 24.50 7.19
CA TYR B 300 15.18 25.11 8.38
C TYR B 300 14.68 24.04 9.36
N PRO B 301 14.63 24.38 10.65
CA PRO B 301 14.27 23.37 11.66
C PRO B 301 12.76 23.21 11.87
N PHE B 302 12.30 21.98 11.76
CA PHE B 302 10.90 21.64 12.03
C PHE B 302 10.86 20.40 12.90
N VAL B 303 11.12 19.24 12.31
CA VAL B 303 11.23 17.99 13.03
C VAL B 303 12.68 17.85 13.50
N PRO B 304 12.94 17.86 14.81
CA PRO B 304 14.33 17.74 15.28
C PRO B 304 14.92 16.36 15.01
N MET B 305 14.27 15.32 15.51
CA MET B 305 14.73 13.96 15.36
C MET B 305 13.52 13.03 15.34
N LEU B 306 13.76 11.78 14.99
CA LEU B 306 12.71 10.77 14.90
C LEU B 306 12.98 9.67 15.93
N PRO B 307 12.05 9.37 16.83
CA PRO B 307 12.25 8.27 17.78
C PRO B 307 11.74 6.94 17.26
N ALA B 308 12.46 5.88 17.64
CA ALA B 308 12.09 4.53 17.25
C ALA B 308 12.63 3.54 18.27
N MET B 309 11.91 2.45 18.46
CA MET B 309 12.31 1.37 19.36
C MET B 309 13.14 0.33 18.62
N VAL B 310 13.93 -0.42 19.39
CA VAL B 310 14.81 -1.45 18.86
C VAL B 310 14.18 -2.80 19.17
N LYS B 311 14.06 -3.65 18.14
CA LYS B 311 13.37 -4.92 18.29
C LYS B 311 14.25 -5.98 18.93
N GLU B 312 15.49 -6.12 18.46
CA GLU B 312 16.43 -7.09 18.99
C GLU B 312 17.78 -6.41 19.12
N ASP B 313 18.69 -7.05 19.86
CA ASP B 313 20.05 -6.54 19.94
C ASP B 313 20.65 -6.47 18.55
N THR B 314 21.11 -5.28 18.16
CA THR B 314 21.71 -5.07 16.84
C THR B 314 22.84 -4.06 17.00
N GLU B 315 23.39 -3.61 15.87
CA GLU B 315 24.61 -2.82 15.89
C GLU B 315 24.58 -1.86 14.71
N LEU B 316 25.18 -0.68 14.92
CA LEU B 316 25.28 0.33 13.86
C LEU B 316 26.64 0.99 13.94
N SER B 317 27.50 0.71 12.95
CA SER B 317 28.80 1.36 12.81
C SER B 317 29.66 1.22 14.07
N GLY B 318 29.77 -0.02 14.56
CA GLY B 318 30.60 -0.30 15.70
C GLY B 318 29.92 -0.06 17.04
N CYS B 319 29.01 0.90 17.08
CA CYS B 319 28.30 1.20 18.32
C CYS B 319 27.17 0.20 18.51
N PRO B 320 27.19 -0.60 19.57
CA PRO B 320 26.11 -1.56 19.77
C PRO B 320 24.91 -0.94 20.42
N ILE B 321 23.75 -1.36 19.96
CA ILE B 321 22.49 -0.93 20.55
C ILE B 321 21.69 -2.16 20.97
N GLN B 322 20.96 -1.95 22.07
CA GLN B 322 20.27 -2.80 23.01
C GLN B 322 18.84 -3.16 22.56
N LYS B 323 18.34 -4.28 23.06
CA LYS B 323 16.93 -4.58 22.84
C LYS B 323 16.10 -3.58 23.64
N GLY B 324 14.93 -3.23 23.12
CA GLY B 324 14.09 -2.29 23.85
C GLY B 324 14.66 -0.90 23.99
N GLN B 325 15.69 -0.56 23.22
CA GLN B 325 16.33 0.74 23.27
C GLN B 325 15.63 1.70 22.32
N ARG B 326 15.80 2.99 22.57
CA ARG B 326 15.27 4.05 21.73
C ARG B 326 16.38 4.67 20.90
N VAL B 327 16.20 4.69 19.58
CA VAL B 327 17.14 5.34 18.68
C VAL B 327 16.51 6.62 18.16
N PHE B 328 17.37 7.60 17.87
CA PHE B 328 16.93 8.90 17.39
C PHE B 328 17.66 9.22 16.09
N LEU B 329 16.90 9.53 15.05
CA LEU B 329 17.46 9.87 13.75
C LEU B 329 17.46 11.39 13.61
N ASP B 330 18.65 11.98 13.67
CA ASP B 330 18.82 13.41 13.47
C ASP B 330 18.40 13.79 12.07
N VAL B 331 17.24 14.44 11.91
CA VAL B 331 16.79 14.84 10.58
C VAL B 331 17.39 16.18 10.20
N LEU B 332 17.57 17.08 11.16
CA LEU B 332 18.23 18.36 10.87
C LEU B 332 19.72 18.17 10.59
N GLY B 333 20.34 17.18 11.23
CA GLY B 333 21.78 16.98 11.04
C GLY B 333 22.14 16.37 9.70
N THR B 334 21.36 15.39 9.23
CA THR B 334 21.65 14.80 7.93
C THR B 334 21.25 15.73 6.79
N ASN B 335 20.12 16.45 6.95
CA ASN B 335 19.71 17.38 5.92
C ASN B 335 20.71 18.51 5.74
N ASN B 336 21.58 18.74 6.72
CA ASN B 336 22.59 19.79 6.62
C ASN B 336 23.99 19.25 6.93
N SER B 337 24.18 17.94 6.87
CA SER B 337 25.51 17.38 7.07
C SER B 337 26.39 17.71 5.87
N PRO B 338 27.54 18.35 6.06
CA PRO B 338 28.42 18.61 4.91
C PRO B 338 28.96 17.33 4.29
N GLN B 339 28.90 16.21 4.99
CA GLN B 339 29.29 14.93 4.41
C GLN B 339 28.38 14.55 3.25
N LEU B 340 27.09 14.89 3.35
CA LEU B 340 26.09 14.46 2.38
C LEU B 340 25.61 15.57 1.45
N TRP B 341 25.93 16.83 1.75
CA TRP B 341 25.48 17.95 0.95
C TRP B 341 26.66 18.84 0.59
N ASN B 342 26.58 19.45 -0.59
CA ASN B 342 27.61 20.37 -1.07
C ASN B 342 27.31 21.75 -0.52
N ASN B 343 28.13 22.21 0.43
CA ASN B 343 27.95 23.49 1.12
C ASN B 343 26.55 23.58 1.73
N PRO B 344 26.27 22.82 2.78
CA PRO B 344 24.92 22.87 3.37
C PRO B 344 24.62 24.18 4.09
N GLY B 345 25.64 24.98 4.42
CA GLY B 345 25.38 26.27 5.04
C GLY B 345 24.71 27.26 4.11
N GLU B 346 24.93 27.13 2.80
CA GLU B 346 24.32 28.05 1.85
C GLU B 346 22.89 27.63 1.55
N PHE B 347 21.97 28.60 1.63
CA PHE B 347 20.61 28.39 1.15
C PHE B 347 20.62 28.48 -0.38
N ASN B 348 20.52 27.34 -1.05
CA ASN B 348 20.65 27.27 -2.50
C ASN B 348 19.63 26.30 -3.07
N PRO B 349 18.47 26.80 -3.51
CA PRO B 349 17.48 25.91 -4.16
C PRO B 349 17.98 25.32 -5.47
N GLN B 350 19.14 25.75 -5.98
CA GLN B 350 19.68 25.17 -7.20
C GLN B 350 19.96 23.69 -7.05
N ARG B 351 20.26 23.24 -5.82
CA ARG B 351 20.50 21.82 -5.59
C ARG B 351 19.25 20.98 -5.84
N PHE B 352 18.06 21.56 -5.75
CA PHE B 352 16.82 20.83 -5.99
C PHE B 352 16.26 21.06 -7.39
N LEU B 353 16.92 21.91 -8.19
CA LEU B 353 16.70 21.89 -9.62
C LEU B 353 17.65 20.92 -10.32
N ASP B 354 18.82 20.67 -9.73
CA ASP B 354 19.74 19.69 -10.27
C ASP B 354 19.22 18.28 -10.06
N THR B 355 18.64 18.01 -8.88
CA THR B 355 18.03 16.73 -8.57
C THR B 355 16.61 17.00 -8.10
N PRO B 356 15.64 17.04 -9.03
CA PRO B 356 14.25 17.30 -8.62
C PRO B 356 13.63 16.15 -7.84
N ASP B 357 14.00 14.91 -8.14
CA ASP B 357 13.47 13.75 -7.43
C ASP B 357 14.12 13.68 -6.05
N TYR B 358 13.48 14.34 -5.08
CA TYR B 358 14.04 14.37 -3.73
C TYR B 358 14.06 12.98 -3.10
N GLU B 359 13.27 12.04 -3.63
CA GLU B 359 13.25 10.70 -3.09
C GLU B 359 14.51 9.91 -3.45
N SER B 360 15.26 10.37 -4.46
CA SER B 360 16.55 9.76 -4.75
C SER B 360 17.63 10.18 -3.76
N ILE B 361 17.43 11.30 -3.06
CA ILE B 361 18.38 11.77 -2.06
C ILE B 361 18.06 11.05 -0.75
N LYS B 362 18.87 10.05 -0.40
CA LYS B 362 18.64 9.30 0.82
C LYS B 362 18.79 10.19 2.06
N GLY B 363 19.72 11.14 2.02
CA GLY B 363 19.97 12.03 3.13
C GLY B 363 19.06 13.22 3.24
N PHE B 364 18.06 13.33 2.37
CA PHE B 364 17.08 14.41 2.44
C PHE B 364 15.84 13.85 3.12
N ILE B 365 15.75 14.04 4.43
CA ILE B 365 14.69 13.42 5.22
C ILE B 365 13.97 14.41 6.13
N PRO B 366 13.55 15.58 5.63
CA PRO B 366 12.87 16.54 6.53
C PRO B 366 11.53 16.04 7.00
N GLN B 367 10.94 15.08 6.30
CA GLN B 367 9.65 14.50 6.65
C GLN B 367 9.70 12.97 6.59
N GLY B 368 10.86 12.39 6.87
CA GLY B 368 10.96 10.95 6.84
C GLY B 368 11.90 10.40 5.79
N GLY B 369 12.31 9.15 5.97
CA GLY B 369 13.22 8.50 5.04
C GLY B 369 12.66 7.17 4.58
N GLY B 370 13.47 6.37 3.91
CA GLY B 370 12.99 5.09 3.44
C GLY B 370 11.83 5.24 2.45
N ASP B 371 11.02 4.18 2.38
CA ASP B 371 9.83 4.20 1.55
C ASP B 371 8.62 4.72 2.31
N VAL B 372 7.73 5.40 1.58
CA VAL B 372 6.53 5.96 2.18
C VAL B 372 5.37 4.94 2.20
N LEU B 373 5.28 4.08 1.18
CA LEU B 373 4.18 3.13 1.13
C LEU B 373 4.42 1.94 2.06
N THR B 374 5.65 1.45 2.14
CA THR B 374 5.99 0.29 2.94
C THR B 374 6.59 0.65 4.29
N GLY B 375 6.74 1.93 4.60
CA GLY B 375 7.30 2.38 5.86
C GLY B 375 6.41 3.41 6.52
N HIS B 376 7.04 4.23 7.36
CA HIS B 376 6.36 5.29 8.09
C HIS B 376 6.66 6.67 7.54
N ARG B 377 7.36 6.76 6.41
CA ARG B 377 7.70 8.06 5.85
C ARG B 377 6.43 8.86 5.56
N CYS B 378 6.53 10.17 5.73
CA CYS B 378 5.37 11.02 5.60
C CYS B 378 4.83 10.96 4.17
N PRO B 379 3.55 10.64 3.99
CA PRO B 379 2.93 10.80 2.68
C PRO B 379 2.40 12.22 2.56
N GLY B 380 2.36 12.71 1.34
CA GLY B 380 1.94 14.07 1.14
C GLY B 380 3.04 15.09 1.21
N GLU B 381 4.31 14.68 1.16
CA GLU B 381 5.37 15.66 0.94
C GLU B 381 5.09 16.47 -0.30
N LYS B 382 4.44 15.84 -1.29
CA LYS B 382 3.92 16.56 -2.43
C LYS B 382 2.91 17.62 -1.99
N ILE B 383 1.92 17.20 -1.18
CA ILE B 383 0.93 18.15 -0.70
C ILE B 383 1.58 19.26 0.11
N ALA B 384 2.57 18.91 0.94
CA ALA B 384 3.29 19.91 1.71
C ALA B 384 3.97 20.91 0.79
N VAL B 385 4.77 20.41 -0.16
CA VAL B 385 5.46 21.29 -1.10
C VAL B 385 4.47 22.02 -1.99
N ALA B 386 3.37 21.35 -2.36
CA ALA B 386 2.33 22.00 -3.14
C ALA B 386 1.82 23.26 -2.45
N ALA B 387 1.62 23.18 -1.13
CA ALA B 387 1.24 24.36 -0.37
C ALA B 387 2.41 25.31 -0.20
N LEU B 388 3.57 24.78 0.18
CA LEU B 388 4.73 25.61 0.47
C LEU B 388 5.19 26.40 -0.76
N SER B 389 5.27 25.73 -1.91
CA SER B 389 5.75 26.41 -3.11
C SER B 389 4.77 27.48 -3.58
N SER B 390 3.47 27.26 -3.40
CA SER B 390 2.48 28.26 -3.77
C SER B 390 2.66 29.54 -2.96
N THR B 391 3.03 29.41 -1.69
CA THR B 391 3.28 30.59 -0.87
C THR B 391 4.54 31.32 -1.32
N VAL B 392 5.58 30.58 -1.68
CA VAL B 392 6.80 31.21 -2.17
C VAL B 392 6.52 32.01 -3.44
N ALA B 393 5.67 31.46 -4.32
CA ALA B 393 5.28 32.20 -5.52
C ALA B 393 4.38 33.38 -5.18
N ALA B 394 3.50 33.23 -4.18
CA ALA B 394 2.58 34.29 -3.83
C ALA B 394 3.30 35.48 -3.21
N LEU B 395 4.26 35.21 -2.33
CA LEU B 395 5.02 36.28 -1.71
C LEU B 395 6.15 36.75 -2.59
N SER B 396 6.37 36.08 -3.73
CA SER B 396 7.43 36.55 -4.62
C SER B 396 7.06 37.84 -5.31
N ALA B 397 5.81 38.31 -5.18
CA ALA B 397 5.35 39.49 -5.88
C ALA B 397 6.01 40.75 -5.35
N ASP B 398 5.69 41.88 -5.99
CA ASP B 398 6.21 43.21 -5.63
C ASP B 398 5.31 43.95 -4.65
N ASN B 399 4.00 43.91 -4.87
CA ASN B 399 3.07 44.51 -3.94
C ASN B 399 3.25 43.98 -2.54
N VAL B 400 3.77 42.76 -2.40
CA VAL B 400 4.05 42.16 -1.11
C VAL B 400 5.45 42.57 -0.68
N THR B 401 5.54 43.15 0.52
CA THR B 401 6.81 43.51 1.13
C THR B 401 6.85 42.86 2.51
N ILE B 402 7.82 41.97 2.71
CA ILE B 402 7.91 41.23 3.96
C ILE B 402 8.66 42.06 4.99
N SER B 403 8.05 42.26 6.15
CA SER B 403 8.67 43.01 7.22
C SER B 403 9.92 42.29 7.72
N GLN B 404 10.93 43.07 8.10
CA GLN B 404 12.25 42.54 8.42
C GLN B 404 12.74 43.02 9.78
N GLU B 405 11.85 43.12 10.76
CA GLU B 405 12.31 43.38 12.11
C GLU B 405 12.98 42.14 12.68
N THR B 406 13.72 42.33 13.78
CA THR B 406 14.47 41.22 14.36
C THR B 406 13.54 40.07 14.76
N GLU B 407 12.33 40.38 15.22
CA GLU B 407 11.37 39.33 15.53
C GLU B 407 10.69 38.76 14.29
N ASP B 408 10.92 39.35 13.13
CA ASP B 408 10.38 38.83 11.87
C ASP B 408 11.34 37.88 11.18
N THR B 409 12.65 38.16 11.24
CA THR B 409 13.64 37.38 10.53
C THR B 409 14.34 36.33 11.38
N THR B 410 14.41 36.51 12.69
CA THR B 410 15.16 35.61 13.55
C THR B 410 14.21 34.72 14.36
N PHE B 411 14.67 33.50 14.61
CA PHE B 411 13.94 32.55 15.43
C PHE B 411 14.90 31.87 16.37
N SER B 412 14.36 31.32 17.46
CA SER B 412 15.17 30.65 18.46
C SER B 412 15.44 29.21 18.04
N MET B 413 16.69 28.79 18.16
CA MET B 413 17.05 27.40 17.88
C MET B 413 16.86 26.49 19.08
N THR B 414 16.69 27.05 20.27
CA THR B 414 16.43 26.26 21.47
C THR B 414 14.94 26.02 21.72
N GLN B 415 14.07 26.62 20.93
CA GLN B 415 12.63 26.45 21.09
C GLN B 415 12.16 25.35 20.15
N LEU B 416 11.35 24.44 20.68
CA LEU B 416 10.84 23.35 19.85
C LEU B 416 9.61 23.81 19.10
N LEU B 417 9.49 23.37 17.85
CA LEU B 417 8.54 23.92 16.90
C LEU B 417 8.68 25.45 16.89
N THR B 418 9.86 25.89 16.51
CA THR B 418 10.21 27.30 16.55
C THR B 418 9.71 28.00 15.28
N ARG B 419 9.73 29.33 15.36
CA ARG B 419 9.26 30.19 14.27
C ARG B 419 9.58 31.63 14.65
N PRO B 420 9.78 32.52 13.68
CA PRO B 420 9.91 33.95 13.98
C PRO B 420 8.74 34.42 14.83
N ARG B 421 9.06 35.26 15.82
CA ARG B 421 8.09 35.67 16.83
C ARG B 421 6.79 36.19 16.20
N THR B 422 6.92 37.20 15.34
CA THR B 422 5.75 37.80 14.70
C THR B 422 4.99 36.81 13.84
N GLY B 423 5.60 35.69 13.47
CA GLY B 423 5.04 34.83 12.45
C GLY B 423 5.41 35.27 11.06
N VAL B 424 6.45 36.10 10.92
CA VAL B 424 6.82 36.79 9.70
C VAL B 424 5.64 37.64 9.25
N ARG B 425 5.66 38.92 9.60
CA ARG B 425 4.60 39.84 9.19
C ARG B 425 4.76 40.20 7.72
N VAL B 426 3.63 40.58 7.10
CA VAL B 426 3.61 40.88 5.68
C VAL B 426 2.51 41.89 5.39
N THR B 427 2.79 42.76 4.42
CA THR B 427 1.84 43.78 3.96
C THR B 427 1.89 43.81 2.44
N VAL B 428 0.73 44.07 1.83
CA VAL B 428 0.60 44.03 0.38
C VAL B 428 -0.06 45.31 -0.10
N SER B 429 0.37 45.78 -1.28
CA SER B 429 -0.11 47.04 -1.83
C SER B 429 -1.14 46.81 -2.93
#